data_3SDR
#
_entry.id   3SDR
#
_cell.length_a   156.458
_cell.length_b   54.479
_cell.length_c   126.607
_cell.angle_alpha   90.00
_cell.angle_beta   119.37
_cell.angle_gamma   90.00
#
_symmetry.space_group_name_H-M   'C 1 2 1'
#
loop_
_entity.id
_entity.type
_entity.pdbx_description
1 polymer 'Alpha-bisabolene synthase'
2 non-polymer 'CHLORIDE ION'
3 non-polymer 'MAGNESIUM ION'
4 non-polymer PAMIDRONATE
5 water water
#
_entity_poly.entity_id   1
_entity_poly.type   'polypeptide(L)'
_entity_poly.pdbx_seq_one_letter_code
;MAGVSAVSKVSSLVCDLSSTSGLIRRTANPHPNVWGYDLVHSLKSPYIDSSYRERAEVLVSEIKAMLNPAITGDGESMIT
PSAYDTAWVARVPAIDGSARPQFPQTVDWILKNQLKDGSWGIQSHFLLSDRLLATLSCVLVLLKWNVGDLQVEQGIEFIK
SNLELVKDETDQDSLVTDFEIIFPSLLREAQSLRLGLPYDLPYIHLLQTKRQERLAKLSREEIYAVPSPLLYSLEGIQDI
VEWERIMEVQSQDGSFLSSPASTACVFMHTGDAKCLEFLNSVMIKFGNFVPCLYPVDLLERLLIVDNIVRLGIYRHFEKE
IKEALDYVYRHWNERGIGWGRLNPIADLETTALGFRLLRLHRYNVSPAIFDNFKDANGKFICSTGQFNKDVASMLNLYRA
SQLAFPGENILDEAKSFATKYLREALEKSETSSAWNNKQNLSQEIKYALKTSWHASVPRVEAKRYCQVYRPDYARIAKCV
YKLPYVNNEKFLELGKLDFNIIQSIHQEEMKNVTSWFRDSGLPLFTFARERPLEFYFLVAAGTYEPQYAKCRFLFTKVAC
LQTVLDDMYDTYGTLDELKLFTEAVRRWDLSFTENLPDYMKLCYQIYYDIVHEVAWEAEKEQGRELVSFFRKGWEDYLLG
YYEEAEWLAAEYVPTLDEYIKNGITSIGQRILLLSGVLIMDGQLLSQEALEKVDYPGRRVLTELNSLISRLADDTKTYKA
EKARGELASSIECYMKDHPECTEEEALDHIYSILEPAVKELTREFLKPDDVPFACKKMLFEETRVTMVIFKDGDGFGVSK
LEVKDHIKECLIEPLPL
;
_entity_poly.pdbx_strand_id   A
#
loop_
_chem_comp.id
_chem_comp.type
_chem_comp.name
_chem_comp.formula
210 non-polymer PAMIDRONATE 'C3 H11 N O7 P2'
CL non-polymer 'CHLORIDE ION' 'Cl -1'
MG non-polymer 'MAGNESIUM ION' 'Mg 2'
#
# COMPACT_ATOMS: atom_id res chain seq x y z
N TRP A 35 -10.39 -15.28 -27.85
CA TRP A 35 -10.89 -14.05 -27.25
C TRP A 35 -12.40 -13.91 -27.42
N GLY A 36 -12.97 -12.86 -26.84
CA GLY A 36 -14.40 -12.58 -26.96
C GLY A 36 -15.29 -13.71 -26.46
N TYR A 37 -16.30 -14.06 -27.26
CA TYR A 37 -17.30 -15.04 -26.84
C TYR A 37 -16.70 -16.42 -26.58
N ASP A 38 -15.93 -16.91 -27.54
CA ASP A 38 -15.40 -18.27 -27.49
C ASP A 38 -14.48 -18.52 -26.31
N LEU A 39 -13.57 -17.59 -26.04
CA LEU A 39 -12.67 -17.72 -24.91
C LEU A 39 -13.41 -17.74 -23.59
N VAL A 40 -14.32 -16.79 -23.43
CA VAL A 40 -15.02 -16.63 -22.17
C VAL A 40 -15.93 -17.81 -21.86
N HIS A 41 -16.67 -18.30 -22.86
CA HIS A 41 -17.56 -19.43 -22.61
C HIS A 41 -16.82 -20.77 -22.44
N SER A 42 -15.53 -20.78 -22.77
CA SER A 42 -14.71 -21.97 -22.55
C SER A 42 -14.20 -22.06 -21.12
N LEU A 43 -14.33 -20.98 -20.36
CA LEU A 43 -13.89 -20.94 -18.97
C LEU A 43 -14.85 -21.73 -18.10
N LYS A 44 -14.31 -22.54 -17.20
CA LYS A 44 -15.13 -23.39 -16.35
C LYS A 44 -14.54 -23.41 -14.95
N SER A 45 -14.68 -22.32 -14.21
CA SER A 45 -14.02 -22.24 -12.90
C SER A 45 -14.77 -22.98 -11.79
N PRO A 46 -14.03 -23.80 -11.03
CA PRO A 46 -14.60 -24.56 -9.92
C PRO A 46 -15.02 -23.65 -8.78
N TYR A 47 -14.41 -22.45 -8.68
CA TYR A 47 -14.53 -21.62 -7.48
C TYR A 47 -15.88 -20.94 -7.33
N ILE A 48 -16.76 -21.14 -8.30
CA ILE A 48 -18.10 -20.60 -8.24
C ILE A 48 -18.99 -21.37 -7.28
N ASP A 49 -18.70 -22.65 -7.07
CA ASP A 49 -19.50 -23.48 -6.16
C ASP A 49 -19.57 -22.86 -4.77
N SER A 50 -20.75 -22.93 -4.16
CA SER A 50 -20.98 -22.31 -2.85
C SER A 50 -20.01 -22.78 -1.77
N SER A 51 -19.54 -24.02 -1.87
CA SER A 51 -18.62 -24.59 -0.87
C SER A 51 -17.35 -23.78 -0.71
N TYR A 52 -16.87 -23.18 -1.80
CA TYR A 52 -15.66 -22.36 -1.71
C TYR A 52 -15.87 -21.09 -0.90
N ARG A 53 -17.00 -20.42 -1.11
CA ARG A 53 -17.31 -19.26 -0.29
C ARG A 53 -17.56 -19.68 1.15
N GLU A 54 -18.19 -20.85 1.37
CA GLU A 54 -18.40 -21.30 2.75
C GLU A 54 -17.05 -21.51 3.47
N ARG A 55 -16.08 -22.04 2.73
CA ARG A 55 -14.74 -22.26 3.27
C ARG A 55 -14.05 -20.92 3.57
N ALA A 56 -14.20 -19.97 2.66
CA ALA A 56 -13.61 -18.65 2.86
C ALA A 56 -14.19 -18.02 4.13
N GLU A 57 -15.48 -18.25 4.38
CA GLU A 57 -16.10 -17.71 5.58
C GLU A 57 -15.57 -18.34 6.86
N VAL A 58 -15.17 -19.60 6.78
CA VAL A 58 -14.54 -20.23 7.93
C VAL A 58 -13.20 -19.56 8.15
N LEU A 59 -12.46 -19.33 7.07
CA LEU A 59 -11.17 -18.66 7.21
C LEU A 59 -11.36 -17.26 7.82
N VAL A 60 -12.41 -16.56 7.39
CA VAL A 60 -12.68 -15.24 7.94
C VAL A 60 -12.93 -15.31 9.45
N SER A 61 -13.71 -16.27 9.90
CA SER A 61 -13.97 -16.40 11.33
CA SER A 61 -13.97 -16.44 11.33
C SER A 61 -12.70 -16.77 12.09
N GLU A 62 -11.86 -17.64 11.50
CA GLU A 62 -10.63 -18.04 12.18
C GLU A 62 -9.70 -16.84 12.34
N ILE A 63 -9.65 -15.99 11.32
CA ILE A 63 -8.77 -14.83 11.34
C ILE A 63 -9.28 -13.79 12.34
N LYS A 64 -10.59 -13.61 12.40
CA LYS A 64 -11.16 -12.72 13.41
C LYS A 64 -10.81 -13.18 14.82
N ALA A 65 -10.87 -14.49 15.06
CA ALA A 65 -10.52 -15.02 16.37
C ALA A 65 -9.03 -14.83 16.64
N MET A 66 -8.21 -15.06 15.62
CA MET A 66 -6.77 -14.92 15.78
C MET A 66 -6.37 -13.50 16.14
N LEU A 67 -7.03 -12.52 15.52
CA LEU A 67 -6.65 -11.12 15.68
C LEU A 67 -7.29 -10.50 16.93
N ASN A 68 -8.27 -11.19 17.50
CA ASN A 68 -9.05 -10.59 18.57
C ASN A 68 -8.21 -10.10 19.75
N PRO A 69 -7.27 -10.93 20.23
CA PRO A 69 -6.41 -10.51 21.35
C PRO A 69 -5.60 -9.27 21.01
N ALA A 70 -5.17 -9.14 19.76
CA ALA A 70 -4.37 -7.99 19.33
C ALA A 70 -5.17 -6.68 19.33
N ILE A 71 -6.39 -6.72 18.80
CA ILE A 71 -7.14 -5.48 18.62
C ILE A 71 -8.11 -5.16 19.76
N THR A 72 -8.63 -6.20 20.41
CA THR A 72 -9.66 -6.00 21.43
C THR A 72 -9.28 -6.57 22.80
N GLY A 73 -8.32 -7.49 22.82
CA GLY A 73 -7.88 -8.09 24.06
C GLY A 73 -6.61 -7.48 24.62
N ASP A 74 -5.86 -8.30 25.36
CA ASP A 74 -4.62 -7.88 25.98
C ASP A 74 -3.44 -8.68 25.44
N GLY A 75 -3.70 -9.48 24.42
CA GLY A 75 -2.68 -10.27 23.76
C GLY A 75 -2.00 -9.48 22.66
N GLU A 76 -1.89 -8.18 22.86
CA GLU A 76 -1.21 -7.30 21.92
C GLU A 76 0.27 -7.68 21.83
N SER A 77 0.95 -7.14 20.83
CA SER A 77 2.38 -7.35 20.65
C SER A 77 2.81 -8.83 20.73
N MET A 78 2.34 -9.62 19.77
CA MET A 78 2.82 -11.00 19.62
C MET A 78 4.10 -11.02 18.77
N ILE A 79 5.22 -11.23 19.44
CA ILE A 79 6.53 -11.09 18.85
C ILE A 79 7.41 -12.19 19.44
N THR A 80 8.27 -12.79 18.60
CA THR A 80 9.15 -13.89 18.99
C THR A 80 10.21 -13.53 20.05
N PRO A 81 10.84 -14.55 20.67
CA PRO A 81 11.85 -14.25 21.70
C PRO A 81 13.11 -13.66 21.12
N SER A 82 13.75 -12.81 21.90
CA SER A 82 15.09 -12.32 21.59
C SER A 82 16.06 -12.99 22.55
N ALA A 83 16.85 -13.93 22.06
CA ALA A 83 17.87 -14.52 22.94
C ALA A 83 18.82 -13.43 23.45
N TYR A 84 19.19 -12.50 22.58
CA TYR A 84 20.10 -11.42 22.97
C TYR A 84 19.58 -10.64 24.15
N ASP A 85 18.31 -10.22 24.08
CA ASP A 85 17.72 -9.38 25.14
C ASP A 85 17.43 -10.22 26.38
N THR A 86 17.05 -11.47 26.17
CA THR A 86 16.77 -12.35 27.27
C THR A 86 18.04 -12.55 28.10
N ALA A 87 19.18 -12.61 27.43
CA ALA A 87 20.46 -12.75 28.14
C ALA A 87 20.80 -11.49 28.95
N TRP A 88 20.45 -10.32 28.43
CA TRP A 88 20.65 -9.11 29.22
C TRP A 88 19.75 -9.08 30.45
N VAL A 89 18.50 -9.51 30.31
CA VAL A 89 17.60 -9.52 31.45
C VAL A 89 18.10 -10.55 32.47
N ALA A 90 18.60 -11.69 31.98
CA ALA A 90 19.19 -12.71 32.84
C ALA A 90 20.37 -12.20 33.67
N ARG A 91 21.02 -11.13 33.22
CA ARG A 91 22.18 -10.62 33.97
C ARG A 91 21.76 -9.99 35.30
N VAL A 92 20.53 -9.50 35.38
CA VAL A 92 20.13 -8.70 36.54
C VAL A 92 20.22 -9.52 37.82
N PRO A 93 21.03 -9.06 38.79
CA PRO A 93 21.12 -9.83 40.03
C PRO A 93 19.86 -9.69 40.90
N ALA A 94 19.59 -10.69 41.73
CA ALA A 94 18.44 -10.64 42.63
C ALA A 94 18.47 -9.36 43.47
N ILE A 95 17.34 -8.67 43.53
CA ILE A 95 17.28 -7.41 44.26
C ILE A 95 17.39 -7.61 45.77
N ASP A 96 17.33 -8.87 46.20
CA ASP A 96 17.46 -9.18 47.62
C ASP A 96 18.93 -9.38 48.00
N GLY A 97 19.82 -9.13 47.06
CA GLY A 97 21.25 -9.18 47.32
C GLY A 97 21.87 -10.56 47.26
N SER A 98 21.04 -11.59 47.12
CA SER A 98 21.57 -12.96 47.01
C SER A 98 22.31 -13.15 45.69
N ALA A 99 23.17 -14.16 45.63
CA ALA A 99 23.99 -14.40 44.45
C ALA A 99 23.27 -15.26 43.41
N ARG A 100 22.19 -14.72 42.86
CA ARG A 100 21.45 -15.42 41.82
C ARG A 100 20.69 -14.40 40.97
N PRO A 101 20.19 -14.82 39.81
CA PRO A 101 19.48 -13.87 38.96
C PRO A 101 18.12 -13.47 39.54
N GLN A 102 17.71 -12.22 39.26
CA GLN A 102 16.40 -11.76 39.68
C GLN A 102 15.30 -12.50 38.89
N PHE A 103 15.63 -12.87 37.66
CA PHE A 103 14.68 -13.55 36.77
C PHE A 103 15.28 -14.86 36.32
N PRO A 104 15.32 -15.86 37.23
CA PRO A 104 16.03 -17.12 36.97
C PRO A 104 15.43 -17.90 35.82
N GLN A 105 14.14 -17.70 35.54
CA GLN A 105 13.52 -18.36 34.41
C GLN A 105 14.17 -18.00 33.06
N THR A 106 14.75 -16.81 32.95
CA THR A 106 15.44 -16.44 31.72
C THR A 106 16.71 -17.25 31.51
N VAL A 107 17.37 -17.61 32.60
CA VAL A 107 18.56 -18.44 32.51
C VAL A 107 18.16 -19.84 32.06
N ASP A 108 17.09 -20.35 32.65
CA ASP A 108 16.58 -21.65 32.25
CA ASP A 108 16.53 -21.64 32.27
C ASP A 108 16.21 -21.67 30.77
N TRP A 109 15.58 -20.59 30.29
CA TRP A 109 15.22 -20.49 28.88
C TRP A 109 16.46 -20.57 27.99
N ILE A 110 17.49 -19.80 28.33
CA ILE A 110 18.72 -19.78 27.55
C ILE A 110 19.35 -21.18 27.51
N LEU A 111 19.39 -21.85 28.64
CA LEU A 111 20.00 -23.18 28.72
C LEU A 111 19.28 -24.18 27.81
N LYS A 112 17.99 -23.98 27.64
CA LYS A 112 17.16 -24.95 26.91
C LYS A 112 16.92 -24.57 25.45
N ASN A 113 17.37 -23.39 25.05
CA ASN A 113 17.06 -22.93 23.69
C ASN A 113 18.25 -22.67 22.77
N GLN A 114 19.40 -23.24 23.10
CA GLN A 114 20.53 -23.20 22.17
C GLN A 114 20.18 -23.99 20.90
N LEU A 115 20.58 -23.46 19.76
CA LEU A 115 20.38 -24.16 18.49
C LEU A 115 21.45 -25.23 18.30
N LYS A 116 21.26 -26.11 17.32
CA LYS A 116 22.15 -27.24 17.14
C LYS A 116 23.58 -26.82 16.82
N ASP A 117 23.74 -25.68 16.14
CA ASP A 117 25.08 -25.25 15.72
C ASP A 117 25.81 -24.47 16.81
N GLY A 118 25.17 -24.35 17.99
CA GLY A 118 25.78 -23.65 19.11
C GLY A 118 25.36 -22.20 19.24
N SER A 119 24.64 -21.68 18.25
CA SER A 119 24.18 -20.32 18.34
C SER A 119 22.80 -20.28 19.00
N TRP A 120 22.35 -19.07 19.34
CA TRP A 120 20.96 -18.83 19.71
C TRP A 120 20.33 -17.89 18.67
N GLY A 121 19.05 -18.12 18.36
CA GLY A 121 18.34 -17.31 17.38
C GLY A 121 17.17 -18.09 16.83
N ILE A 122 16.55 -17.60 15.76
CA ILE A 122 15.40 -18.29 15.20
C ILE A 122 15.88 -19.24 14.12
N GLN A 123 15.56 -20.52 14.27
CA GLN A 123 16.14 -21.56 13.41
C GLN A 123 15.77 -21.43 11.94
N SER A 124 14.59 -20.90 11.65
CA SER A 124 14.11 -20.83 10.27
C SER A 124 14.95 -19.88 9.42
N HIS A 125 15.56 -18.90 10.06
CA HIS A 125 16.32 -17.87 9.34
C HIS A 125 17.71 -17.71 9.95
N PHE A 126 18.74 -17.80 9.12
CA PHE A 126 20.09 -17.56 9.59
C PHE A 126 20.56 -16.17 9.16
N LEU A 127 20.91 -15.34 10.13
CA LEU A 127 21.58 -14.07 9.84
C LEU A 127 22.82 -13.98 10.71
N LEU A 128 23.99 -13.85 10.08
CA LEU A 128 25.25 -13.93 10.83
C LEU A 128 25.30 -12.96 12.01
N SER A 129 25.04 -11.67 11.76
CA SER A 129 25.16 -10.69 12.84
C SER A 129 24.19 -10.97 13.97
N ASP A 130 23.01 -11.44 13.63
CA ASP A 130 22.02 -11.81 14.65
C ASP A 130 22.55 -12.97 15.51
N ARG A 131 23.09 -14.00 14.87
CA ARG A 131 23.57 -15.15 15.63
C ARG A 131 24.80 -14.80 16.45
N LEU A 132 25.64 -13.91 15.91
CA LEU A 132 26.86 -13.54 16.61
C LEU A 132 26.53 -12.76 17.86
N LEU A 133 25.65 -11.77 17.72
CA LEU A 133 25.28 -10.91 18.84
C LEU A 133 24.55 -11.71 19.94
N ALA A 134 23.52 -12.44 19.54
CA ALA A 134 22.75 -13.22 20.50
C ALA A 134 23.62 -14.27 21.21
N THR A 135 24.51 -14.90 20.45
CA THR A 135 25.31 -15.98 21.02
C THR A 135 26.34 -15.45 22.01
N LEU A 136 26.99 -14.35 21.67
CA LEU A 136 27.95 -13.78 22.61
C LEU A 136 27.21 -13.31 23.86
N SER A 137 26.02 -12.76 23.65
CA SER A 137 25.20 -12.27 24.75
C SER A 137 24.85 -13.40 25.73
N CYS A 138 24.40 -14.53 25.20
CA CYS A 138 24.07 -15.69 26.02
C CYS A 138 25.30 -16.30 26.69
N VAL A 139 26.39 -16.41 25.95
CA VAL A 139 27.62 -16.97 26.52
C VAL A 139 28.03 -16.19 27.77
N LEU A 140 28.00 -14.87 27.69
CA LEU A 140 28.49 -14.05 28.80
C LEU A 140 27.63 -14.17 30.06
N VAL A 141 26.31 -14.23 29.90
CA VAL A 141 25.46 -14.31 31.08
C VAL A 141 25.52 -15.71 31.73
N LEU A 142 25.67 -16.74 30.90
CA LEU A 142 25.84 -18.08 31.47
C LEU A 142 27.12 -18.13 32.29
N LEU A 143 28.15 -17.47 31.78
CA LEU A 143 29.43 -17.40 32.50
C LEU A 143 29.26 -16.60 33.80
N LYS A 144 28.52 -15.50 33.74
CA LYS A 144 28.28 -14.68 34.93
C LYS A 144 27.76 -15.53 36.10
N TRP A 145 26.79 -16.40 35.81
CA TRP A 145 26.16 -17.23 36.83
C TRP A 145 26.79 -18.61 36.98
N ASN A 146 27.89 -18.84 36.29
CA ASN A 146 28.63 -20.09 36.41
C ASN A 146 27.77 -21.34 36.14
N VAL A 147 27.01 -21.31 35.06
CA VAL A 147 26.18 -22.44 34.66
C VAL A 147 26.35 -22.72 33.17
N GLY A 148 25.75 -23.80 32.69
CA GLY A 148 25.72 -24.10 31.27
C GLY A 148 27.08 -24.20 30.61
N ASP A 149 28.00 -24.94 31.23
CA ASP A 149 29.36 -25.06 30.70
C ASP A 149 29.41 -25.61 29.27
N LEU A 150 28.52 -26.55 28.96
CA LEU A 150 28.51 -27.16 27.63
C LEU A 150 27.97 -26.17 26.59
N GLN A 151 26.95 -25.40 26.99
CA GLN A 151 26.35 -24.41 26.11
C GLN A 151 27.37 -23.31 25.80
N VAL A 152 28.13 -22.93 26.81
CA VAL A 152 29.16 -21.92 26.65
C VAL A 152 30.23 -22.40 25.67
N GLU A 153 30.65 -23.66 25.82
CA GLU A 153 31.66 -24.23 24.96
C GLU A 153 31.20 -24.26 23.51
N GLN A 154 29.96 -24.67 23.30
CA GLN A 154 29.38 -24.73 21.95
C GLN A 154 29.13 -23.33 21.36
N GLY A 155 28.78 -22.37 22.22
CA GLY A 155 28.53 -21.01 21.76
C GLY A 155 29.80 -20.31 21.33
N ILE A 156 30.86 -20.48 22.13
CA ILE A 156 32.16 -19.91 21.82
C ILE A 156 32.67 -20.47 20.49
N GLU A 157 32.50 -21.77 20.28
CA GLU A 157 32.93 -22.42 19.05
C GLU A 157 32.16 -21.83 17.87
N PHE A 158 30.87 -21.59 18.04
CA PHE A 158 30.10 -21.00 16.96
C PHE A 158 30.65 -19.61 16.60
N ILE A 159 30.88 -18.79 17.61
CA ILE A 159 31.35 -17.42 17.37
C ILE A 159 32.71 -17.43 16.65
N LYS A 160 33.63 -18.24 17.17
CA LYS A 160 34.97 -18.34 16.60
C LYS A 160 34.90 -18.86 15.17
N SER A 161 34.21 -19.98 15.01
CA SER A 161 34.04 -20.64 13.73
C SER A 161 33.51 -19.65 12.68
N ASN A 162 32.47 -18.92 13.04
CA ASN A 162 31.81 -18.08 12.05
C ASN A 162 32.52 -16.76 11.74
N LEU A 163 33.17 -16.18 12.74
CA LEU A 163 33.94 -14.97 12.51
C LEU A 163 35.08 -15.23 11.52
N GLU A 164 35.61 -16.45 11.54
CA GLU A 164 36.76 -16.79 10.72
C GLU A 164 36.37 -17.10 9.27
N LEU A 165 35.07 -17.20 9.01
CA LEU A 165 34.56 -17.34 7.64
C LEU A 165 34.38 -15.99 6.96
N VAL A 166 34.34 -14.92 7.74
CA VAL A 166 34.21 -13.59 7.14
C VAL A 166 35.54 -13.25 6.47
N LYS A 167 35.50 -13.12 5.15
CA LYS A 167 36.70 -12.81 4.39
C LYS A 167 36.78 -11.31 4.13
N ASP A 168 35.69 -10.72 3.66
CA ASP A 168 35.63 -9.28 3.45
C ASP A 168 34.26 -8.70 3.85
N GLU A 169 34.08 -7.40 3.63
CA GLU A 169 32.88 -6.69 4.07
C GLU A 169 31.60 -7.32 3.54
N THR A 170 31.63 -7.72 2.27
CA THR A 170 30.46 -8.26 1.60
C THR A 170 30.05 -9.63 2.11
N ASP A 171 30.81 -10.16 3.07
CA ASP A 171 30.47 -11.44 3.70
C ASP A 171 29.70 -11.26 4.99
N GLN A 172 29.63 -10.03 5.48
CA GLN A 172 29.06 -9.82 6.81
C GLN A 172 27.55 -9.99 6.79
N ASP A 173 26.93 -9.70 5.64
CA ASP A 173 25.47 -9.82 5.48
C ASP A 173 24.76 -8.67 6.21
N SER A 174 23.43 -8.68 6.22
CA SER A 174 22.67 -7.59 6.86
C SER A 174 22.96 -7.47 8.37
N LEU A 175 23.02 -6.23 8.87
CA LEU A 175 23.38 -6.01 10.28
C LEU A 175 22.17 -5.70 11.14
N VAL A 176 22.04 -6.42 12.26
CA VAL A 176 21.03 -6.08 13.26
C VAL A 176 21.30 -4.68 13.80
N THR A 177 20.27 -4.08 14.40
CA THR A 177 20.35 -2.70 14.88
C THR A 177 21.58 -2.48 15.76
N ASP A 178 22.37 -1.47 15.38
CA ASP A 178 23.52 -1.05 16.18
C ASP A 178 24.58 -2.11 16.42
N PHE A 179 24.64 -3.10 15.53
CA PHE A 179 25.64 -4.15 15.64
C PHE A 179 27.06 -3.59 15.71
N GLU A 180 27.36 -2.61 14.86
CA GLU A 180 28.70 -2.05 14.80
C GLU A 180 29.08 -1.41 16.13
N ILE A 181 28.09 -0.86 16.82
CA ILE A 181 28.34 -0.21 18.11
C ILE A 181 28.46 -1.23 19.24
N ILE A 182 27.56 -2.20 19.25
CA ILE A 182 27.43 -3.12 20.39
C ILE A 182 28.42 -4.27 20.37
N PHE A 183 28.64 -4.85 19.20
CA PHE A 183 29.46 -6.05 19.15
C PHE A 183 30.91 -5.83 19.64
N PRO A 184 31.58 -4.74 19.21
CA PRO A 184 32.91 -4.50 19.76
C PRO A 184 32.91 -4.36 21.29
N SER A 185 31.86 -3.79 21.84
CA SER A 185 31.74 -3.60 23.28
C SER A 185 31.57 -4.94 24.00
N LEU A 186 30.68 -5.78 23.47
CA LEU A 186 30.42 -7.09 24.04
C LEU A 186 31.66 -7.96 23.88
N LEU A 187 32.35 -7.81 22.76
CA LEU A 187 33.53 -8.61 22.49
C LEU A 187 34.69 -8.23 23.41
N ARG A 188 34.77 -6.95 23.78
CA ARG A 188 35.76 -6.51 24.75
C ARG A 188 35.48 -7.05 26.16
N GLU A 189 34.20 -7.22 26.49
CA GLU A 189 33.85 -7.87 27.76
C GLU A 189 34.39 -9.30 27.79
N ALA A 190 34.20 -10.03 26.70
CA ALA A 190 34.72 -11.39 26.57
C ALA A 190 36.24 -11.40 26.67
N GLN A 191 36.89 -10.41 26.04
CA GLN A 191 38.34 -10.35 26.00
C GLN A 191 38.91 -10.22 27.41
N SER A 192 38.22 -9.45 28.26
CA SER A 192 38.67 -9.25 29.62
C SER A 192 38.56 -10.55 30.43
N LEU A 193 37.62 -11.42 30.04
CA LEU A 193 37.50 -12.74 30.65
C LEU A 193 38.42 -13.76 29.98
N ARG A 194 39.20 -13.30 29.00
CA ARG A 194 40.13 -14.17 28.28
C ARG A 194 39.46 -15.36 27.59
N LEU A 195 38.29 -15.13 26.99
CA LEU A 195 37.62 -16.19 26.22
C LEU A 195 38.37 -16.48 24.93
N GLY A 196 38.38 -17.74 24.51
CA GLY A 196 39.07 -18.14 23.29
C GLY A 196 38.37 -17.69 22.01
N LEU A 197 38.38 -16.38 21.76
CA LEU A 197 37.83 -15.83 20.54
C LEU A 197 38.91 -15.07 19.75
N PRO A 198 38.74 -14.95 18.43
CA PRO A 198 39.73 -14.31 17.54
C PRO A 198 39.61 -12.78 17.53
N TYR A 199 40.08 -12.13 18.60
CA TYR A 199 39.93 -10.68 18.76
C TYR A 199 40.71 -9.86 17.71
N ASP A 200 41.72 -10.47 17.11
CA ASP A 200 42.65 -9.74 16.25
C ASP A 200 42.31 -9.88 14.76
N LEU A 201 41.13 -10.41 14.46
CA LEU A 201 40.69 -10.52 13.07
C LEU A 201 40.47 -9.15 12.44
N PRO A 202 40.84 -9.01 11.16
CA PRO A 202 40.60 -7.74 10.46
C PRO A 202 39.16 -7.27 10.60
N TYR A 203 38.21 -8.19 10.46
CA TYR A 203 36.80 -7.82 10.52
C TYR A 203 36.45 -7.22 11.88
N ILE A 204 37.06 -7.74 12.94
CA ILE A 204 36.87 -7.16 14.28
C ILE A 204 37.40 -5.73 14.34
N HIS A 205 38.60 -5.52 13.81
CA HIS A 205 39.20 -4.18 13.79
C HIS A 205 38.33 -3.20 13.00
N LEU A 206 37.80 -3.67 11.88
CA LEU A 206 36.91 -2.87 11.04
C LEU A 206 35.64 -2.45 11.80
N LEU A 207 35.05 -3.37 12.55
CA LEU A 207 33.86 -3.04 13.33
C LEU A 207 34.15 -1.94 14.36
N GLN A 208 35.33 -1.99 14.98
CA GLN A 208 35.71 -0.94 15.92
C GLN A 208 35.87 0.40 15.20
N THR A 209 36.47 0.38 14.01
CA THR A 209 36.55 1.57 13.17
C THR A 209 35.15 2.15 12.88
N LYS A 210 34.20 1.29 12.56
CA LYS A 210 32.83 1.73 12.27
C LYS A 210 32.16 2.28 13.54
N ARG A 211 32.37 1.61 14.65
CA ARG A 211 31.86 2.12 15.93
C ARG A 211 32.37 3.54 16.17
N GLN A 212 33.66 3.77 15.95
CA GLN A 212 34.23 5.11 16.10
C GLN A 212 33.58 6.14 15.18
N GLU A 213 33.32 5.77 13.94
CA GLU A 213 32.72 6.74 13.02
C GLU A 213 31.26 7.04 13.39
N ARG A 214 30.57 6.07 13.97
CA ARG A 214 29.21 6.31 14.44
C ARG A 214 29.22 7.24 15.66
N LEU A 215 30.10 6.94 16.61
CA LEU A 215 30.17 7.66 17.86
C LEU A 215 30.66 9.09 17.68
N ALA A 216 31.33 9.35 16.56
CA ALA A 216 31.89 10.66 16.30
C ALA A 216 30.80 11.69 16.06
N LYS A 217 29.70 11.26 15.44
CA LYS A 217 28.60 12.17 15.12
C LYS A 217 27.64 12.33 16.30
N LEU A 218 27.97 11.67 17.41
CA LEU A 218 27.11 11.68 18.59
C LEU A 218 27.21 13.00 19.34
N SER A 219 26.08 13.67 19.53
CA SER A 219 26.01 14.81 20.44
C SER A 219 25.78 14.25 21.84
N ARG A 220 26.84 14.19 22.64
CA ARG A 220 26.74 13.50 23.91
C ARG A 220 25.90 14.23 24.95
N GLU A 221 26.07 15.54 25.02
CA GLU A 221 25.31 16.33 25.98
C GLU A 221 23.81 16.19 25.70
N GLU A 222 23.46 16.08 24.41
CA GLU A 222 22.07 15.94 24.00
C GLU A 222 21.44 14.56 24.25
N ILE A 223 22.26 13.56 24.57
CA ILE A 223 21.73 12.23 24.92
C ILE A 223 20.77 12.36 26.08
N TYR A 224 21.08 13.29 26.97
CA TYR A 224 20.35 13.42 28.23
C TYR A 224 19.12 14.32 28.10
N ALA A 225 19.06 15.06 27.01
CA ALA A 225 18.04 16.10 26.84
C ALA A 225 17.02 15.77 25.77
N VAL A 226 17.50 15.16 24.69
CA VAL A 226 16.67 14.88 23.53
C VAL A 226 16.67 13.38 23.26
N PRO A 227 15.50 12.73 23.39
CA PRO A 227 15.45 11.28 23.15
C PRO A 227 15.92 10.96 21.75
N SER A 228 16.69 9.89 21.58
CA SER A 228 17.27 9.56 20.29
C SER A 228 17.34 8.05 20.10
N PRO A 229 17.56 7.59 18.86
CA PRO A 229 17.58 6.14 18.60
C PRO A 229 18.65 5.40 19.41
N LEU A 230 19.69 6.10 19.87
CA LEU A 230 20.73 5.42 20.64
C LEU A 230 20.25 4.86 21.98
N LEU A 231 19.13 5.38 22.48
CA LEU A 231 18.57 4.87 23.73
C LEU A 231 18.17 3.40 23.64
N TYR A 232 17.98 2.92 22.41
CA TYR A 232 17.62 1.53 22.17
C TYR A 232 18.76 0.57 22.48
N SER A 233 19.96 1.13 22.62
CA SER A 233 21.18 0.32 22.71
C SER A 233 22.21 0.82 23.71
N LEU A 234 21.74 1.31 24.85
CA LEU A 234 22.65 1.84 25.86
C LEU A 234 23.64 0.79 26.36
N GLU A 235 23.25 -0.48 26.28
CA GLU A 235 24.13 -1.53 26.76
C GLU A 235 25.42 -1.61 25.94
N GLY A 236 25.42 -0.98 24.77
CA GLY A 236 26.61 -0.96 23.92
C GLY A 236 27.50 0.26 24.10
N ILE A 237 27.05 1.25 24.86
CA ILE A 237 27.86 2.46 25.05
C ILE A 237 27.99 2.82 26.53
N GLN A 238 28.28 1.80 27.35
CA GLN A 238 28.30 1.99 28.79
C GLN A 238 29.36 2.95 29.31
N ASP A 239 30.47 3.07 28.60
CA ASP A 239 31.54 3.98 29.02
C ASP A 239 31.23 5.46 28.72
N ILE A 240 30.22 5.69 27.88
CA ILE A 240 29.88 7.04 27.46
C ILE A 240 28.79 7.66 28.34
N VAL A 241 27.86 6.83 28.79
CA VAL A 241 26.64 7.34 29.41
C VAL A 241 26.82 7.66 30.90
N GLU A 242 26.47 8.89 31.29
CA GLU A 242 26.38 9.22 32.71
C GLU A 242 25.01 8.73 33.18
N TRP A 243 24.98 7.62 33.89
CA TRP A 243 23.70 6.99 34.27
C TRP A 243 22.90 7.93 35.17
N GLU A 244 23.61 8.85 35.82
CA GLU A 244 22.96 9.76 36.76
C GLU A 244 22.13 10.84 36.07
N ARG A 245 22.27 10.94 34.75
CA ARG A 245 21.56 11.95 33.96
C ARG A 245 20.58 11.32 32.95
N ILE A 246 20.66 10.01 32.77
CA ILE A 246 19.95 9.35 31.67
C ILE A 246 18.44 9.18 31.93
N MET A 247 18.00 9.30 33.17
CA MET A 247 16.58 9.06 33.47
C MET A 247 15.63 10.06 32.83
N GLU A 248 16.15 11.23 32.47
CA GLU A 248 15.30 12.27 31.89
C GLU A 248 14.71 11.87 30.55
N VAL A 249 15.33 10.90 29.87
CA VAL A 249 14.83 10.47 28.57
C VAL A 249 14.22 9.04 28.61
N GLN A 250 14.01 8.53 29.82
CA GLN A 250 13.31 7.26 30.02
C GLN A 250 11.87 7.35 29.52
N SER A 251 11.34 6.25 28.99
CA SER A 251 9.93 6.24 28.55
C SER A 251 9.01 6.18 29.75
N GLN A 252 7.75 6.55 29.54
CA GLN A 252 6.80 6.55 30.64
C GLN A 252 6.62 5.17 31.26
N ASP A 253 6.88 4.11 30.50
CA ASP A 253 6.69 2.75 31.02
C ASP A 253 7.95 2.25 31.72
N GLY A 254 8.97 3.09 31.71
CA GLY A 254 10.21 2.78 32.41
C GLY A 254 11.28 2.22 31.50
N SER A 255 10.93 1.94 30.25
CA SER A 255 11.91 1.39 29.33
C SER A 255 12.80 2.47 28.77
N PHE A 256 13.90 2.04 28.18
CA PHE A 256 14.67 2.92 27.31
C PHE A 256 14.43 2.51 25.87
N LEU A 257 13.69 3.36 25.17
CA LEU A 257 13.18 3.12 23.82
C LEU A 257 12.71 1.68 23.56
N SER A 258 11.99 1.11 24.54
CA SER A 258 11.27 -0.17 24.38
C SER A 258 12.19 -1.39 24.39
N SER A 259 13.48 -1.18 24.64
CA SER A 259 14.46 -2.28 24.64
C SER A 259 14.65 -2.91 26.02
N PRO A 260 14.31 -4.21 26.16
CA PRO A 260 14.60 -4.86 27.45
C PRO A 260 16.09 -4.84 27.76
N ALA A 261 16.95 -5.07 26.77
CA ALA A 261 18.38 -5.12 27.05
C ALA A 261 18.89 -3.78 27.55
N SER A 262 18.49 -2.70 26.87
CA SER A 262 18.97 -1.36 27.20
C SER A 262 18.46 -0.99 28.60
N THR A 263 17.22 -1.35 28.87
CA THR A 263 16.62 -1.10 30.19
C THR A 263 17.30 -1.91 31.31
N ALA A 264 17.56 -3.18 31.04
CA ALA A 264 18.25 -4.02 32.03
C ALA A 264 19.60 -3.41 32.39
N CYS A 265 20.26 -2.84 31.38
CA CYS A 265 21.57 -2.22 31.59
C CYS A 265 21.44 -1.01 32.51
N VAL A 266 20.50 -0.13 32.19
CA VAL A 266 20.31 1.05 33.03
C VAL A 266 19.94 0.61 34.44
N PHE A 267 19.09 -0.40 34.54
CA PHE A 267 18.72 -0.85 35.89
C PHE A 267 19.93 -1.29 36.72
N MET A 268 20.80 -2.08 36.13
CA MET A 268 21.94 -2.61 36.87
C MET A 268 22.90 -1.49 37.32
N HIS A 269 22.88 -0.37 36.61
CA HIS A 269 23.71 0.79 36.97
C HIS A 269 23.04 1.75 37.95
N THR A 270 21.71 1.74 37.99
CA THR A 270 21.01 2.77 38.74
C THR A 270 20.10 2.25 39.85
N GLY A 271 19.62 1.02 39.72
CA GLY A 271 18.61 0.51 40.63
C GLY A 271 17.26 1.21 40.45
N ASP A 272 17.07 1.88 39.31
CA ASP A 272 15.85 2.63 39.06
C ASP A 272 14.58 1.76 39.10
N ALA A 273 13.62 2.16 39.94
CA ALA A 273 12.40 1.38 40.15
C ALA A 273 11.54 1.21 38.88
N LYS A 274 11.46 2.24 38.06
CA LYS A 274 10.63 2.15 36.85
C LYS A 274 11.25 1.23 35.81
N CYS A 275 12.59 1.20 35.74
CA CYS A 275 13.25 0.23 34.87
C CYS A 275 12.80 -1.16 35.26
N LEU A 276 12.87 -1.45 36.56
CA LEU A 276 12.52 -2.79 37.03
C LEU A 276 11.06 -3.10 36.71
N GLU A 277 10.17 -2.12 36.89
CA GLU A 277 8.77 -2.32 36.54
C GLU A 277 8.60 -2.72 35.08
N PHE A 278 9.37 -2.09 34.19
CA PHE A 278 9.28 -2.48 32.78
C PHE A 278 9.72 -3.92 32.58
N LEU A 279 10.86 -4.29 33.18
CA LEU A 279 11.36 -5.66 33.01
C LEU A 279 10.32 -6.65 33.54
N ASN A 280 9.77 -6.34 34.70
CA ASN A 280 8.72 -7.21 35.26
C ASN A 280 7.52 -7.33 34.32
N SER A 281 7.13 -6.22 33.70
CA SER A 281 5.93 -6.25 32.86
C SER A 281 6.15 -7.16 31.65
N VAL A 282 7.37 -7.14 31.12
CA VAL A 282 7.67 -7.96 29.96
C VAL A 282 7.73 -9.45 30.33
N MET A 283 8.27 -9.76 31.50
CA MET A 283 8.33 -11.15 31.97
C MET A 283 6.92 -11.71 32.24
N ILE A 284 6.07 -10.85 32.78
CA ILE A 284 4.68 -11.22 33.07
C ILE A 284 3.95 -11.55 31.77
N LYS A 285 4.27 -10.79 30.73
CA LYS A 285 3.64 -10.94 29.43
C LYS A 285 4.12 -12.21 28.71
N PHE A 286 5.43 -12.46 28.72
CA PHE A 286 5.98 -13.53 27.89
C PHE A 286 6.40 -14.80 28.63
N GLY A 287 6.54 -14.69 29.94
CA GLY A 287 6.90 -15.84 30.74
C GLY A 287 8.37 -15.97 31.10
N ASN A 288 9.15 -16.52 30.17
CA ASN A 288 10.55 -16.85 30.50
C ASN A 288 11.52 -16.31 29.48
N PHE A 289 11.03 -15.41 28.63
CA PHE A 289 11.89 -14.73 27.67
C PHE A 289 11.38 -13.29 27.45
N VAL A 290 12.18 -12.49 26.73
CA VAL A 290 11.70 -11.18 26.29
C VAL A 290 11.99 -11.01 24.81
N PRO A 291 11.19 -10.16 24.13
CA PRO A 291 11.48 -9.86 22.72
C PRO A 291 12.47 -8.70 22.64
N CYS A 292 12.81 -8.22 21.44
CA CYS A 292 13.80 -7.13 21.30
C CYS A 292 13.15 -5.75 21.28
N LEU A 293 11.83 -5.72 21.27
CA LEU A 293 11.06 -4.47 21.18
C LEU A 293 9.78 -4.71 21.97
N TYR A 294 9.42 -3.81 22.86
CA TYR A 294 8.12 -3.96 23.52
C TYR A 294 7.62 -2.70 24.18
N PRO A 295 6.34 -2.35 23.95
CA PRO A 295 5.39 -3.00 23.04
C PRO A 295 5.61 -2.58 21.60
N VAL A 296 4.91 -3.24 20.68
CA VAL A 296 4.90 -2.84 19.28
C VAL A 296 3.44 -2.62 18.88
N ASP A 297 2.67 -2.05 19.82
CA ASP A 297 1.23 -1.97 19.66
C ASP A 297 0.78 -1.17 18.46
N LEU A 298 1.45 -0.05 18.16
CA LEU A 298 1.04 0.80 17.03
C LEU A 298 1.48 0.21 15.71
N LEU A 299 2.76 -0.16 15.63
CA LEU A 299 3.29 -0.70 14.38
C LEU A 299 2.60 -2.03 14.00
N GLU A 300 2.36 -2.90 14.99
CA GLU A 300 1.74 -4.20 14.73
C GLU A 300 0.31 -4.01 14.21
N ARG A 301 -0.44 -3.10 14.83
CA ARG A 301 -1.81 -2.83 14.36
C ARG A 301 -1.82 -2.35 12.92
N LEU A 302 -0.89 -1.45 12.60
CA LEU A 302 -0.82 -0.88 11.27
C LEU A 302 -0.37 -1.91 10.24
N LEU A 303 0.56 -2.77 10.65
CA LEU A 303 1.05 -3.82 9.75
C LEU A 303 -0.03 -4.86 9.45
N ILE A 304 -0.82 -5.21 10.47
CA ILE A 304 -1.97 -6.08 10.28
C ILE A 304 -2.91 -5.49 9.22
N VAL A 305 -3.32 -4.24 9.42
CA VAL A 305 -4.22 -3.59 8.48
C VAL A 305 -3.58 -3.51 7.10
N ASP A 306 -2.30 -3.13 7.03
CA ASP A 306 -1.67 -2.94 5.71
C ASP A 306 -1.71 -4.25 4.94
N ASN A 307 -1.44 -5.36 5.62
CA ASN A 307 -1.37 -6.62 4.92
C ASN A 307 -2.74 -7.14 4.49
N ILE A 308 -3.73 -6.96 5.35
CA ILE A 308 -5.11 -7.32 5.02
C ILE A 308 -5.60 -6.52 3.80
N VAL A 309 -5.28 -5.23 3.77
CA VAL A 309 -5.63 -4.39 2.62
C VAL A 309 -4.90 -4.80 1.33
N ARG A 310 -3.58 -4.97 1.41
CA ARG A 310 -2.81 -5.33 0.23
C ARG A 310 -3.19 -6.70 -0.34
N LEU A 311 -3.58 -7.64 0.52
CA LEU A 311 -4.03 -8.97 0.05
C LEU A 311 -5.41 -8.92 -0.61
N GLY A 312 -6.08 -7.78 -0.51
CA GLY A 312 -7.39 -7.59 -1.12
C GLY A 312 -8.53 -8.21 -0.31
N ILE A 313 -8.28 -8.51 0.96
CA ILE A 313 -9.29 -9.22 1.75
C ILE A 313 -9.97 -8.33 2.81
N TYR A 314 -9.73 -7.02 2.71
CA TYR A 314 -10.17 -6.03 3.70
C TYR A 314 -11.69 -5.98 3.91
N ARG A 315 -12.47 -6.31 2.88
CA ARG A 315 -13.92 -6.14 3.01
C ARG A 315 -14.54 -7.10 4.03
N HIS A 316 -13.81 -8.15 4.39
CA HIS A 316 -14.29 -9.12 5.38
C HIS A 316 -14.01 -8.68 6.81
N PHE A 317 -13.22 -7.63 6.96
CA PHE A 317 -12.71 -7.26 8.27
C PHE A 317 -12.92 -5.77 8.56
N GLU A 318 -14.04 -5.21 8.13
CA GLU A 318 -14.32 -3.80 8.41
C GLU A 318 -14.29 -3.48 9.91
N LYS A 319 -14.88 -4.35 10.72
CA LYS A 319 -14.95 -4.10 12.16
C LYS A 319 -13.56 -4.08 12.79
N GLU A 320 -12.73 -5.05 12.41
CA GLU A 320 -11.40 -5.20 12.99
C GLU A 320 -10.46 -4.08 12.52
N ILE A 321 -10.58 -3.68 11.27
CA ILE A 321 -9.74 -2.61 10.75
C ILE A 321 -10.08 -1.30 11.44
N LYS A 322 -11.38 -1.04 11.62
CA LYS A 322 -11.81 0.15 12.33
C LYS A 322 -11.31 0.16 13.76
N GLU A 323 -11.43 -0.99 14.44
CA GLU A 323 -11.01 -1.06 15.83
C GLU A 323 -9.50 -0.84 15.93
N ALA A 324 -8.76 -1.40 14.97
CA ALA A 324 -7.32 -1.25 14.95
C ALA A 324 -6.91 0.21 14.70
N LEU A 325 -7.51 0.82 13.68
CA LEU A 325 -7.12 2.18 13.33
C LEU A 325 -7.66 3.21 14.33
N ASP A 326 -8.78 2.90 14.98
CA ASP A 326 -9.28 3.82 16.01
C ASP A 326 -8.24 3.93 17.14
N TYR A 327 -7.61 2.81 17.46
CA TYR A 327 -6.59 2.78 18.52
C TYR A 327 -5.38 3.60 18.07
N VAL A 328 -4.93 3.39 16.83
CA VAL A 328 -3.81 4.17 16.32
C VAL A 328 -4.14 5.66 16.34
N TYR A 329 -5.34 6.00 15.89
CA TYR A 329 -5.74 7.41 15.83
C TYR A 329 -5.75 8.05 17.22
N ARG A 330 -6.19 7.31 18.24
CA ARG A 330 -6.18 7.84 19.61
C ARG A 330 -4.78 8.30 19.99
N HIS A 331 -3.77 7.57 19.52
CA HIS A 331 -2.39 7.87 19.90
C HIS A 331 -1.67 8.75 18.88
N TRP A 332 -2.40 9.09 17.81
CA TRP A 332 -1.86 9.96 16.78
C TRP A 332 -1.70 11.37 17.32
N ASN A 333 -0.50 11.92 17.20
CA ASN A 333 -0.26 13.27 17.70
C ASN A 333 0.67 14.07 16.80
N GLU A 334 0.74 15.38 17.06
CA GLU A 334 1.46 16.30 16.20
C GLU A 334 2.95 15.94 16.07
N ARG A 335 3.46 15.19 17.04
CA ARG A 335 4.89 14.86 17.07
C ARG A 335 5.21 13.54 16.38
N GLY A 336 4.19 12.89 15.82
CA GLY A 336 4.40 11.59 15.19
C GLY A 336 4.20 10.44 16.16
N ILE A 337 4.31 9.22 15.66
CA ILE A 337 4.18 8.04 16.50
C ILE A 337 5.40 7.10 16.39
N GLY A 338 5.69 6.41 17.49
CA GLY A 338 6.68 5.33 17.44
C GLY A 338 5.99 3.99 17.23
N TRP A 339 6.78 2.93 17.17
CA TRP A 339 6.23 1.58 16.96
C TRP A 339 5.40 1.16 18.17
N GLY A 340 5.75 1.71 19.34
CA GLY A 340 5.01 1.54 20.56
C GLY A 340 4.48 2.88 21.03
N ARG A 341 3.30 2.89 21.64
CA ARG A 341 2.66 4.16 21.99
C ARG A 341 3.43 4.94 23.05
N LEU A 342 4.33 4.29 23.77
CA LEU A 342 5.09 5.03 24.79
C LEU A 342 6.46 5.57 24.36
N ASN A 343 6.82 5.37 23.10
CA ASN A 343 8.13 5.82 22.63
C ASN A 343 8.24 7.34 22.78
N PRO A 344 9.35 7.82 23.35
CA PRO A 344 9.45 9.27 23.54
C PRO A 344 9.86 10.03 22.27
N ILE A 345 10.15 9.30 21.20
CA ILE A 345 10.42 9.92 19.91
C ILE A 345 9.69 9.16 18.83
N ALA A 346 9.21 9.89 17.82
CA ALA A 346 8.52 9.23 16.73
C ALA A 346 9.45 8.43 15.82
N ASP A 347 8.84 7.57 15.02
CA ASP A 347 9.52 6.64 14.13
C ASP A 347 8.95 6.89 12.73
N LEU A 348 9.81 7.23 11.77
CA LEU A 348 9.32 7.51 10.41
C LEU A 348 8.55 6.31 9.82
N GLU A 349 9.08 5.10 9.98
CA GLU A 349 8.42 3.94 9.43
C GLU A 349 6.96 3.85 9.86
N THR A 350 6.74 3.90 11.17
CA THR A 350 5.40 3.75 11.73
C THR A 350 4.54 4.97 11.44
N THR A 351 5.14 6.15 11.56
CA THR A 351 4.41 7.38 11.26
C THR A 351 3.95 7.46 9.79
N ALA A 352 4.83 7.12 8.85
CA ALA A 352 4.46 7.19 7.43
C ALA A 352 3.38 6.17 7.10
N LEU A 353 3.51 4.98 7.68
CA LEU A 353 2.52 3.93 7.51
C LEU A 353 1.17 4.35 8.11
N GLY A 354 1.21 4.89 9.33
CA GLY A 354 0.02 5.41 9.98
C GLY A 354 -0.67 6.52 9.18
N PHE A 355 0.12 7.48 8.72
CA PHE A 355 -0.44 8.55 7.90
C PHE A 355 -1.22 8.01 6.71
N ARG A 356 -0.59 7.11 5.96
CA ARG A 356 -1.22 6.56 4.77
C ARG A 356 -2.49 5.77 5.08
N LEU A 357 -2.40 4.84 6.03
CA LEU A 357 -3.56 4.00 6.34
C LEU A 357 -4.71 4.81 6.98
N LEU A 358 -4.37 5.75 7.85
CA LEU A 358 -5.40 6.59 8.45
C LEU A 358 -6.11 7.43 7.39
N ARG A 359 -5.34 8.08 6.52
CA ARG A 359 -5.95 8.91 5.49
C ARG A 359 -6.77 8.06 4.54
N LEU A 360 -6.26 6.89 4.18
CA LEU A 360 -6.94 5.97 3.28
C LEU A 360 -8.28 5.53 3.86
N HIS A 361 -8.38 5.49 5.19
CA HIS A 361 -9.60 5.05 5.83
C HIS A 361 -10.40 6.23 6.36
N ARG A 362 -10.13 7.40 5.78
CA ARG A 362 -10.93 8.61 5.96
C ARG A 362 -10.81 9.27 7.34
N TYR A 363 -9.72 8.98 8.04
CA TYR A 363 -9.39 9.73 9.25
C TYR A 363 -8.72 11.03 8.84
N ASN A 364 -8.93 12.08 9.62
CA ASN A 364 -8.34 13.37 9.32
C ASN A 364 -6.92 13.47 9.88
N VAL A 365 -5.93 13.39 8.99
CA VAL A 365 -4.54 13.55 9.38
C VAL A 365 -3.88 14.62 8.51
N SER A 366 -2.81 15.22 9.03
CA SER A 366 -2.11 16.29 8.33
C SER A 366 -0.69 15.90 8.00
N PRO A 367 -0.26 16.16 6.76
CA PRO A 367 1.12 15.85 6.36
C PRO A 367 2.15 16.70 7.12
N ALA A 368 1.71 17.70 7.87
CA ALA A 368 2.64 18.45 8.70
C ALA A 368 3.35 17.59 9.76
N ILE A 369 2.81 16.40 10.06
CA ILE A 369 3.51 15.52 11.00
C ILE A 369 4.90 15.11 10.48
N PHE A 370 5.11 15.24 9.17
CA PHE A 370 6.40 14.87 8.61
C PHE A 370 7.50 15.88 8.90
N ASP A 371 7.10 17.07 9.35
CA ASP A 371 8.08 18.07 9.80
C ASP A 371 8.92 17.52 10.96
N ASN A 372 8.37 16.56 11.70
CA ASN A 372 9.08 15.94 12.81
C ASN A 372 10.34 15.18 12.37
N PHE A 373 10.49 14.98 11.07
CA PHE A 373 11.59 14.17 10.57
C PHE A 373 12.47 14.96 9.62
N LYS A 374 12.49 16.28 9.81
CA LYS A 374 13.30 17.18 8.99
C LYS A 374 14.38 17.81 9.84
N ASP A 375 15.50 18.18 9.22
CA ASP A 375 16.63 18.76 9.95
C ASP A 375 16.49 20.27 10.13
N ALA A 376 15.90 20.93 9.13
CA ALA A 376 15.74 22.38 9.15
C ALA A 376 17.09 23.09 8.94
N LYS A 379 15.06 20.10 5.59
CA LYS A 379 14.37 18.99 4.95
C LYS A 379 14.76 17.60 5.53
N PHE A 380 14.10 16.53 5.06
CA PHE A 380 14.23 15.19 5.67
C PHE A 380 15.66 14.71 5.93
N ILE A 381 15.79 13.70 6.80
CA ILE A 381 17.11 13.26 7.27
C ILE A 381 17.23 11.75 7.53
N CYS A 382 16.13 11.02 7.42
CA CYS A 382 16.14 9.58 7.73
C CYS A 382 17.15 8.78 6.91
N SER A 383 18.11 8.20 7.61
CA SER A 383 19.15 7.37 7.03
C SER A 383 20.28 7.21 8.03
N THR A 384 19.90 6.92 9.28
CA THR A 384 20.87 6.88 10.37
C THR A 384 20.88 5.54 11.11
N GLY A 385 19.74 4.85 11.14
CA GLY A 385 19.64 3.60 11.86
C GLY A 385 20.02 2.40 11.01
N GLN A 386 19.45 1.23 11.30
CA GLN A 386 19.79 0.05 10.51
C GLN A 386 19.05 0.02 9.18
N PHE A 387 19.69 -0.60 8.20
CA PHE A 387 19.38 -0.38 6.80
C PHE A 387 17.95 -0.75 6.43
N ASN A 388 17.48 -1.91 6.86
CA ASN A 388 16.13 -2.33 6.52
C ASN A 388 15.08 -1.39 7.07
N LYS A 389 15.31 -0.91 8.30
CA LYS A 389 14.41 0.07 8.86
C LYS A 389 14.42 1.36 8.02
N ASP A 390 15.60 1.81 7.62
CA ASP A 390 15.68 3.06 6.85
C ASP A 390 14.96 2.89 5.52
N VAL A 391 15.20 1.77 4.84
CA VAL A 391 14.55 1.52 3.57
C VAL A 391 13.04 1.42 3.76
N ALA A 392 12.60 0.74 4.82
CA ALA A 392 11.17 0.59 5.07
C ALA A 392 10.52 1.95 5.31
N SER A 393 11.21 2.83 6.05
CA SER A 393 10.68 4.16 6.36
C SER A 393 10.49 4.97 5.08
N MET A 394 11.44 4.83 4.16
CA MET A 394 11.38 5.55 2.91
C MET A 394 10.37 4.96 1.92
N LEU A 395 10.22 3.63 1.94
CA LEU A 395 9.14 3.03 1.14
C LEU A 395 7.81 3.54 1.65
N ASN A 396 7.66 3.58 2.97
CA ASN A 396 6.42 4.05 3.54
C ASN A 396 6.19 5.53 3.26
N LEU A 397 7.25 6.34 3.31
CA LEU A 397 7.11 7.77 3.02
C LEU A 397 6.70 7.98 1.56
N TYR A 398 7.36 7.26 0.66
CA TYR A 398 7.02 7.28 -0.76
C TYR A 398 5.55 6.94 -0.98
N ARG A 399 5.06 5.86 -0.38
CA ARG A 399 3.67 5.50 -0.56
C ARG A 399 2.74 6.54 0.04
N ALA A 400 3.06 7.02 1.24
CA ALA A 400 2.24 8.04 1.88
C ALA A 400 2.14 9.31 1.03
N SER A 401 3.24 9.68 0.36
CA SER A 401 3.26 10.96 -0.35
C SER A 401 2.28 10.98 -1.52
N GLN A 402 1.92 9.80 -2.02
CA GLN A 402 1.02 9.73 -3.18
C GLN A 402 -0.44 10.04 -2.84
N LEU A 403 -0.76 10.12 -1.55
CA LEU A 403 -2.13 10.39 -1.11
C LEU A 403 -2.29 11.89 -0.84
N ALA A 404 -1.52 12.70 -1.55
CA ALA A 404 -1.54 14.15 -1.33
C ALA A 404 -2.87 14.81 -1.72
N PHE A 405 -3.34 15.72 -0.87
CA PHE A 405 -4.46 16.60 -1.20
C PHE A 405 -3.95 17.94 -1.78
N PRO A 406 -4.85 18.73 -2.41
CA PRO A 406 -4.42 20.01 -2.99
C PRO A 406 -3.66 20.89 -1.98
N GLY A 407 -2.59 21.54 -2.42
CA GLY A 407 -1.81 22.44 -1.58
C GLY A 407 -0.94 21.77 -0.52
N GLU A 408 -0.77 20.45 -0.59
CA GLU A 408 0.12 19.79 0.37
C GLU A 408 1.56 19.65 -0.15
N ASN A 409 2.26 20.79 -0.22
CA ASN A 409 3.60 20.86 -0.75
C ASN A 409 4.59 19.92 -0.09
N ILE A 410 4.47 19.77 1.23
CA ILE A 410 5.37 18.92 1.97
C ILE A 410 5.34 17.48 1.42
N LEU A 411 4.20 17.04 0.91
CA LEU A 411 4.11 15.68 0.37
C LEU A 411 4.78 15.57 -1.02
N ASP A 412 4.70 16.65 -1.80
CA ASP A 412 5.46 16.70 -3.05
C ASP A 412 6.95 16.62 -2.74
N GLU A 413 7.36 17.34 -1.69
CA GLU A 413 8.75 17.35 -1.24
CA GLU A 413 8.76 17.34 -1.27
C GLU A 413 9.17 15.95 -0.77
N ALA A 414 8.28 15.33 0.00
CA ALA A 414 8.53 13.99 0.52
C ALA A 414 8.68 12.97 -0.61
N LYS A 415 7.84 13.10 -1.63
CA LYS A 415 7.89 12.16 -2.74
C LYS A 415 9.25 12.23 -3.43
N SER A 416 9.69 13.44 -3.73
CA SER A 416 10.99 13.67 -4.36
C SER A 416 12.11 13.05 -3.55
N PHE A 417 12.17 13.40 -2.27
CA PHE A 417 13.23 12.87 -1.42
C PHE A 417 13.24 11.36 -1.35
N ALA A 418 12.08 10.76 -1.08
CA ALA A 418 11.99 9.32 -0.97
C ALA A 418 12.39 8.61 -2.26
N THR A 419 11.95 9.13 -3.40
CA THR A 419 12.32 8.56 -4.70
C THR A 419 13.84 8.56 -4.89
N LYS A 420 14.46 9.72 -4.67
CA LYS A 420 15.92 9.82 -4.75
C LYS A 420 16.58 8.84 -3.79
N TYR A 421 16.09 8.78 -2.55
CA TYR A 421 16.64 7.83 -1.58
C TYR A 421 16.58 6.39 -2.09
N LEU A 422 15.41 5.97 -2.55
CA LEU A 422 15.19 4.59 -2.98
C LEU A 422 16.00 4.22 -4.23
N ARG A 423 16.13 5.15 -5.17
CA ARG A 423 16.98 4.92 -6.33
C ARG A 423 18.44 4.77 -5.91
N GLU A 424 18.86 5.51 -4.90
CA GLU A 424 20.23 5.36 -4.41
C GLU A 424 20.39 4.05 -3.65
N ALA A 425 19.36 3.68 -2.89
CA ALA A 425 19.41 2.43 -2.15
C ALA A 425 19.64 1.23 -3.07
N LEU A 426 19.03 1.27 -4.26
CA LEU A 426 19.22 0.21 -5.25
C LEU A 426 20.67 0.04 -5.65
N GLU A 427 21.46 1.11 -5.58
CA GLU A 427 22.86 1.05 -5.98
C GLU A 427 23.79 0.70 -4.82
N LYS A 428 23.24 0.49 -3.63
CA LYS A 428 24.05 0.22 -2.44
C LYS A 428 24.34 -1.27 -2.30
N SER A 429 25.52 -1.62 -1.79
CA SER A 429 25.88 -3.03 -1.61
C SER A 429 24.99 -3.74 -0.58
N GLU A 430 24.58 -3.02 0.46
CA GLU A 430 23.73 -3.62 1.49
C GLU A 430 22.45 -4.21 0.88
N THR A 431 21.93 -3.56 -0.15
CA THR A 431 20.68 -3.98 -0.75
C THR A 431 20.81 -5.39 -1.35
N SER A 432 22.03 -5.76 -1.71
CA SER A 432 22.29 -7.06 -2.30
C SER A 432 22.93 -8.05 -1.33
N SER A 433 22.73 -7.83 -0.03
CA SER A 433 23.21 -8.80 0.96
C SER A 433 22.46 -10.12 0.78
N ALA A 434 23.03 -11.22 1.26
CA ALA A 434 22.36 -12.52 1.20
C ALA A 434 20.95 -12.44 1.78
N TRP A 435 20.84 -11.80 2.94
CA TRP A 435 19.55 -11.63 3.61
C TRP A 435 18.54 -10.89 2.74
N ASN A 436 18.96 -9.76 2.19
CA ASN A 436 18.04 -8.96 1.38
C ASN A 436 17.68 -9.64 0.07
N ASN A 437 18.63 -10.33 -0.55
CA ASN A 437 18.35 -11.09 -1.77
C ASN A 437 17.33 -12.18 -1.50
N LYS A 438 17.46 -12.85 -0.37
CA LYS A 438 16.51 -13.89 0.00
C LYS A 438 15.10 -13.34 0.15
N GLN A 439 14.98 -12.04 0.43
CA GLN A 439 13.66 -11.43 0.60
C GLN A 439 13.24 -10.58 -0.61
N ASN A 440 14.06 -10.61 -1.67
CA ASN A 440 13.77 -9.88 -2.90
C ASN A 440 13.61 -8.37 -2.66
N LEU A 441 14.47 -7.83 -1.81
CA LEU A 441 14.36 -6.41 -1.47
C LEU A 441 14.53 -5.53 -2.72
N SER A 442 15.55 -5.79 -3.52
CA SER A 442 15.78 -4.96 -4.70
C SER A 442 14.55 -4.97 -5.61
N GLN A 443 13.93 -6.14 -5.75
CA GLN A 443 12.73 -6.27 -6.57
C GLN A 443 11.57 -5.47 -5.99
N GLU A 444 11.42 -5.51 -4.67
CA GLU A 444 10.36 -4.77 -3.99
C GLU A 444 10.53 -3.24 -4.15
N ILE A 445 11.76 -2.77 -4.01
CA ILE A 445 12.04 -1.35 -4.22
C ILE A 445 11.74 -0.93 -5.67
N LYS A 446 12.22 -1.73 -6.62
CA LYS A 446 11.95 -1.44 -8.04
C LYS A 446 10.46 -1.42 -8.34
N TYR A 447 9.72 -2.36 -7.76
CA TYR A 447 8.29 -2.44 -8.03
C TYR A 447 7.59 -1.22 -7.46
N ALA A 448 8.02 -0.79 -6.28
CA ALA A 448 7.41 0.39 -5.64
C ALA A 448 7.62 1.63 -6.50
N LEU A 449 8.82 1.76 -7.06
CA LEU A 449 9.15 2.96 -7.84
C LEU A 449 8.46 3.00 -9.18
N LYS A 450 8.11 1.84 -9.73
CA LYS A 450 7.47 1.83 -11.05
C LYS A 450 5.96 1.89 -10.89
N THR A 451 5.50 1.81 -9.65
CA THR A 451 4.08 1.70 -9.36
C THR A 451 3.49 2.99 -8.80
N SER A 452 2.53 3.55 -9.53
CA SER A 452 1.81 4.72 -9.05
C SER A 452 0.49 4.26 -8.44
N TRP A 453 0.24 4.65 -7.19
CA TRP A 453 -1.00 4.29 -6.51
C TRP A 453 -2.23 4.70 -7.33
N HIS A 454 -2.17 5.88 -7.96
CA HIS A 454 -3.31 6.30 -8.77
C HIS A 454 -3.46 5.44 -10.02
N ALA A 455 -2.35 5.15 -10.68
CA ALA A 455 -2.41 4.34 -11.89
C ALA A 455 -2.18 2.86 -11.56
N SER A 456 -3.10 2.29 -10.78
CA SER A 456 -3.03 0.89 -10.39
C SER A 456 -4.36 0.19 -10.65
N VAL A 457 -4.28 -1.07 -11.06
CA VAL A 457 -5.44 -1.96 -11.17
C VAL A 457 -5.62 -2.71 -9.84
N PRO A 458 -6.65 -2.34 -9.06
CA PRO A 458 -6.80 -2.82 -7.68
C PRO A 458 -6.81 -4.35 -7.55
N ARG A 459 -7.63 -5.02 -8.34
CA ARG A 459 -7.69 -6.50 -8.28
C ARG A 459 -6.36 -7.14 -8.66
N VAL A 460 -5.67 -6.54 -9.62
CA VAL A 460 -4.35 -7.05 -10.03
C VAL A 460 -3.27 -6.81 -8.96
N GLU A 461 -3.32 -5.68 -8.27
CA GLU A 461 -2.34 -5.45 -7.20
C GLU A 461 -2.54 -6.45 -6.06
N ALA A 462 -3.79 -6.79 -5.78
CA ALA A 462 -4.07 -7.77 -4.73
C ALA A 462 -3.60 -9.15 -5.20
N LYS A 463 -3.87 -9.47 -6.47
CA LYS A 463 -3.41 -10.75 -7.00
C LYS A 463 -1.87 -10.84 -6.91
N ARG A 464 -1.18 -9.77 -7.26
CA ARG A 464 0.28 -9.77 -7.23
C ARG A 464 0.81 -9.88 -5.81
N TYR A 465 0.11 -9.26 -4.86
CA TYR A 465 0.60 -9.28 -3.48
C TYR A 465 0.42 -10.68 -2.90
N CYS A 466 -0.66 -11.38 -3.28
CA CYS A 466 -0.83 -12.76 -2.85
C CYS A 466 0.34 -13.63 -3.28
N GLN A 467 1.08 -13.18 -4.31
CA GLN A 467 2.22 -13.96 -4.79
C GLN A 467 3.53 -13.55 -4.15
N VAL A 468 3.50 -12.49 -3.34
CA VAL A 468 4.72 -11.97 -2.71
C VAL A 468 4.66 -12.06 -1.18
N TYR A 469 3.47 -11.91 -0.63
CA TYR A 469 3.29 -12.02 0.83
C TYR A 469 3.88 -13.30 1.40
N ARG A 470 4.62 -13.18 2.49
CA ARG A 470 5.25 -14.33 3.11
C ARG A 470 4.73 -14.60 4.52
N PRO A 471 4.10 -15.78 4.71
CA PRO A 471 3.61 -16.14 6.04
C PRO A 471 4.74 -16.21 7.07
N ASP A 472 5.95 -16.52 6.64
CA ASP A 472 7.06 -16.68 7.59
C ASP A 472 8.08 -15.56 7.48
N TYR A 473 7.62 -14.38 7.05
CA TYR A 473 8.50 -13.21 6.90
C TYR A 473 9.23 -12.89 8.21
N ALA A 474 10.53 -12.67 8.11
CA ALA A 474 11.33 -12.31 9.29
C ALA A 474 11.81 -10.86 9.19
N ARG A 475 11.70 -10.14 10.29
CA ARG A 475 12.08 -8.73 10.35
C ARG A 475 13.37 -8.58 11.14
N ILE A 476 14.03 -7.42 10.99
CA ILE A 476 15.27 -7.15 11.73
C ILE A 476 15.16 -5.94 12.66
N ALA A 477 15.55 -6.11 13.91
CA ALA A 477 15.85 -4.99 14.80
C ALA A 477 17.10 -5.37 15.59
N LYS A 478 17.05 -5.27 16.91
CA LYS A 478 18.19 -5.75 17.69
C LYS A 478 18.46 -7.23 17.41
N CYS A 479 17.38 -7.96 17.11
CA CYS A 479 17.52 -9.35 16.66
C CYS A 479 16.56 -9.60 15.52
N VAL A 480 16.70 -10.75 14.87
CA VAL A 480 15.71 -11.14 13.86
C VAL A 480 14.45 -11.57 14.62
N TYR A 481 13.29 -11.10 14.17
CA TYR A 481 12.03 -11.42 14.85
C TYR A 481 10.89 -11.58 13.86
N LYS A 482 9.77 -12.15 14.33
CA LYS A 482 8.57 -12.30 13.53
C LYS A 482 7.36 -11.74 14.29
N LEU A 483 6.36 -11.31 13.54
CA LEU A 483 5.05 -10.89 14.08
C LEU A 483 3.95 -11.80 13.51
N PRO A 484 3.61 -12.88 14.23
CA PRO A 484 2.67 -13.85 13.66
C PRO A 484 1.27 -13.33 13.36
N TYR A 485 0.84 -12.25 14.00
CA TYR A 485 -0.46 -11.67 13.63
C TYR A 485 -0.42 -11.00 12.27
N VAL A 486 0.77 -10.60 11.84
CA VAL A 486 0.93 -9.90 10.57
C VAL A 486 1.25 -10.90 9.45
N ASN A 487 2.16 -11.80 9.75
CA ASN A 487 2.61 -12.81 8.81
C ASN A 487 2.22 -14.20 9.26
N ASN A 488 1.30 -14.82 8.53
CA ASN A 488 0.80 -16.13 8.89
C ASN A 488 0.15 -16.81 7.69
N GLU A 489 -0.08 -18.11 7.80
CA GLU A 489 -0.62 -18.85 6.67
C GLU A 489 -2.09 -18.54 6.38
N LYS A 490 -2.89 -18.29 7.41
CA LYS A 490 -4.31 -18.03 7.21
C LYS A 490 -4.58 -16.80 6.31
N PHE A 491 -3.84 -15.71 6.52
CA PHE A 491 -4.00 -14.51 5.70
C PHE A 491 -3.87 -14.90 4.23
N LEU A 492 -2.81 -15.65 3.92
CA LEU A 492 -2.53 -15.98 2.53
C LEU A 492 -3.55 -16.96 1.96
N GLU A 493 -3.92 -17.97 2.75
CA GLU A 493 -4.92 -18.92 2.33
C GLU A 493 -6.19 -18.19 1.90
N LEU A 494 -6.64 -17.26 2.73
CA LEU A 494 -7.85 -16.51 2.41
C LEU A 494 -7.63 -15.60 1.20
N GLY A 495 -6.47 -14.98 1.12
CA GLY A 495 -6.18 -14.06 0.02
C GLY A 495 -6.32 -14.76 -1.33
N LYS A 496 -5.69 -15.93 -1.45
CA LYS A 496 -5.72 -16.67 -2.71
C LYS A 496 -7.12 -17.19 -3.04
N LEU A 497 -7.78 -17.79 -2.06
CA LEU A 497 -9.12 -18.33 -2.26
C LEU A 497 -10.12 -17.23 -2.59
N ASP A 498 -10.13 -16.16 -1.80
CA ASP A 498 -11.04 -15.03 -2.06
C ASP A 498 -10.82 -14.46 -3.46
N PHE A 499 -9.56 -14.28 -3.86
CA PHE A 499 -9.30 -13.77 -5.21
C PHE A 499 -9.91 -14.69 -6.28
N ASN A 500 -9.68 -16.00 -6.12
CA ASN A 500 -10.18 -16.96 -7.10
C ASN A 500 -11.70 -17.03 -7.18
N ILE A 501 -12.35 -16.91 -6.03
CA ILE A 501 -13.82 -16.92 -5.99
C ILE A 501 -14.39 -15.72 -6.72
N ILE A 502 -13.89 -14.54 -6.37
CA ILE A 502 -14.31 -13.32 -7.04
C ILE A 502 -14.10 -13.45 -8.55
N GLN A 503 -12.93 -13.95 -8.94
CA GLN A 503 -12.62 -14.06 -10.36
C GLN A 503 -13.60 -14.99 -11.07
N SER A 504 -13.92 -16.12 -10.43
CA SER A 504 -14.83 -17.08 -11.04
C SER A 504 -16.21 -16.46 -11.20
N ILE A 505 -16.60 -15.65 -10.23
CA ILE A 505 -17.89 -14.95 -10.34
C ILE A 505 -17.86 -14.00 -11.53
N HIS A 506 -16.76 -13.28 -11.69
CA HIS A 506 -16.64 -12.37 -12.83
C HIS A 506 -16.65 -13.13 -14.15
N GLN A 507 -16.05 -14.31 -14.17
CA GLN A 507 -16.05 -15.11 -15.39
C GLN A 507 -17.45 -15.50 -15.84
N GLU A 508 -18.33 -15.80 -14.89
CA GLU A 508 -19.71 -16.08 -15.23
C GLU A 508 -20.41 -14.83 -15.77
N GLU A 509 -20.10 -13.69 -15.18
CA GLU A 509 -20.64 -12.41 -15.65
C GLU A 509 -20.17 -12.09 -17.05
N MET A 510 -18.92 -12.41 -17.37
CA MET A 510 -18.38 -12.18 -18.72
C MET A 510 -19.07 -13.02 -19.78
N LYS A 511 -19.47 -14.24 -19.40
CA LYS A 511 -20.32 -15.02 -20.29
C LYS A 511 -21.62 -14.29 -20.58
N ASN A 512 -22.24 -13.75 -19.54
CA ASN A 512 -23.48 -12.97 -19.72
C ASN A 512 -23.24 -11.75 -20.61
N VAL A 513 -22.14 -11.05 -20.37
CA VAL A 513 -21.79 -9.86 -21.14
C VAL A 513 -21.61 -10.17 -22.61
N THR A 514 -20.85 -11.22 -22.92
CA THR A 514 -20.56 -11.51 -24.32
C THR A 514 -21.78 -12.10 -25.01
N SER A 515 -22.60 -12.84 -24.26
CA SER A 515 -23.86 -13.35 -24.77
CA SER A 515 -23.86 -13.35 -24.79
C SER A 515 -24.81 -12.22 -25.14
N TRP A 516 -24.91 -11.22 -24.24
CA TRP A 516 -25.73 -10.06 -24.50
C TRP A 516 -25.21 -9.30 -25.72
N PHE A 517 -23.90 -9.08 -25.75
CA PHE A 517 -23.28 -8.31 -26.82
C PHE A 517 -23.57 -8.89 -28.19
N ARG A 518 -23.41 -10.21 -28.31
CA ARG A 518 -23.64 -10.93 -29.56
C ARG A 518 -25.04 -10.69 -30.12
N ASP A 519 -26.03 -10.63 -29.23
CA ASP A 519 -27.42 -10.52 -29.65
C ASP A 519 -27.91 -9.08 -29.62
N SER A 520 -27.02 -8.14 -29.28
CA SER A 520 -27.42 -6.76 -29.02
C SER A 520 -27.62 -5.92 -30.29
N GLY A 521 -27.04 -6.36 -31.40
CA GLY A 521 -27.04 -5.58 -32.63
C GLY A 521 -25.79 -4.70 -32.78
N LEU A 522 -25.08 -4.48 -31.68
CA LEU A 522 -23.86 -3.66 -31.72
C LEU A 522 -22.74 -4.18 -32.65
N PRO A 523 -22.62 -5.51 -32.80
CA PRO A 523 -21.63 -6.05 -33.73
C PRO A 523 -21.90 -5.70 -35.19
N LEU A 524 -23.09 -5.23 -35.51
CA LEU A 524 -23.41 -4.86 -36.88
C LEU A 524 -22.67 -3.58 -37.32
N PHE A 525 -22.21 -2.80 -36.35
CA PHE A 525 -21.50 -1.57 -36.65
C PHE A 525 -20.01 -1.85 -36.89
N THR A 526 -19.73 -2.31 -38.09
CA THR A 526 -18.42 -2.85 -38.43
C THR A 526 -17.34 -1.76 -38.49
N PHE A 527 -17.77 -0.50 -38.47
CA PHE A 527 -16.81 0.61 -38.39
C PHE A 527 -16.25 0.79 -36.99
N ALA A 528 -16.87 0.13 -36.01
CA ALA A 528 -16.41 0.20 -34.63
C ALA A 528 -15.85 -1.14 -34.16
N ARG A 529 -14.70 -1.11 -33.51
CA ARG A 529 -14.09 -2.30 -32.95
C ARG A 529 -14.94 -2.83 -31.78
N GLU A 530 -15.08 -4.15 -31.69
CA GLU A 530 -15.80 -4.78 -30.57
C GLU A 530 -14.87 -4.95 -29.39
N ARG A 531 -15.25 -4.43 -28.23
CA ARG A 531 -14.39 -4.48 -27.05
C ARG A 531 -15.14 -4.73 -25.75
N PRO A 532 -16.11 -5.66 -25.75
CA PRO A 532 -16.91 -5.74 -24.52
C PRO A 532 -16.10 -6.12 -23.28
N LEU A 533 -15.12 -7.00 -23.41
CA LEU A 533 -14.35 -7.41 -22.23
C LEU A 533 -13.45 -6.32 -21.70
N GLU A 534 -12.94 -5.46 -22.58
CA GLU A 534 -12.13 -4.34 -22.15
C GLU A 534 -12.96 -3.39 -21.30
N PHE A 535 -14.20 -3.18 -21.70
CA PHE A 535 -15.07 -2.28 -20.93
C PHE A 535 -15.52 -2.93 -19.63
N TYR A 536 -15.75 -4.24 -19.67
CA TYR A 536 -16.09 -4.95 -18.45
C TYR A 536 -14.92 -4.86 -17.46
N PHE A 537 -13.71 -5.08 -17.96
CA PHE A 537 -12.51 -4.96 -17.15
C PHE A 537 -12.37 -3.59 -16.48
N LEU A 538 -12.68 -2.53 -17.23
CA LEU A 538 -12.56 -1.16 -16.71
C LEU A 538 -13.31 -1.01 -15.37
N VAL A 539 -14.49 -1.60 -15.27
CA VAL A 539 -15.24 -1.47 -14.03
C VAL A 539 -14.93 -2.60 -13.06
N ALA A 540 -14.83 -3.82 -13.58
CA ALA A 540 -14.71 -5.00 -12.71
C ALA A 540 -13.38 -5.11 -11.96
N ALA A 541 -12.33 -4.49 -12.50
CA ALA A 541 -11.01 -4.55 -11.88
C ALA A 541 -10.93 -3.71 -10.60
N GLY A 542 -11.91 -2.82 -10.42
CA GLY A 542 -11.97 -1.95 -9.26
C GLY A 542 -13.22 -2.15 -8.42
N THR A 543 -14.36 -2.27 -9.07
CA THR A 543 -15.62 -2.57 -8.38
C THR A 543 -15.95 -4.03 -8.58
N TYR A 544 -15.40 -4.87 -7.69
CA TYR A 544 -15.35 -6.32 -7.92
C TYR A 544 -16.35 -7.10 -7.05
N GLU A 545 -16.91 -6.45 -6.05
CA GLU A 545 -17.76 -7.15 -5.08
C GLU A 545 -18.96 -7.87 -5.72
N PRO A 546 -19.27 -9.07 -5.23
CA PRO A 546 -20.31 -9.92 -5.84
C PRO A 546 -21.66 -9.23 -5.97
N GLN A 547 -22.03 -8.41 -4.99
CA GLN A 547 -23.35 -7.77 -4.99
C GLN A 547 -23.53 -6.67 -6.05
N TYR A 548 -22.45 -6.28 -6.73
CA TYR A 548 -22.53 -5.19 -7.73
C TYR A 548 -22.50 -5.70 -9.17
N ALA A 549 -23.02 -6.92 -9.37
CA ALA A 549 -23.10 -7.49 -10.72
C ALA A 549 -23.88 -6.59 -11.69
N LYS A 550 -24.99 -6.03 -11.22
CA LYS A 550 -25.84 -5.20 -12.09
C LYS A 550 -25.09 -3.93 -12.51
N CYS A 551 -24.42 -3.29 -11.55
CA CYS A 551 -23.56 -2.13 -11.82
C CYS A 551 -22.58 -2.43 -12.96
N ARG A 552 -21.88 -3.55 -12.85
CA ARG A 552 -20.85 -3.89 -13.84
C ARG A 552 -21.47 -4.16 -15.20
N PHE A 553 -22.61 -4.86 -15.19
CA PHE A 553 -23.30 -5.24 -16.44
C PHE A 553 -23.78 -4.00 -17.20
N LEU A 554 -24.45 -3.10 -16.49
CA LEU A 554 -25.01 -1.90 -17.12
C LEU A 554 -23.91 -0.93 -17.57
N PHE A 555 -22.86 -0.80 -16.76
CA PHE A 555 -21.68 0.02 -17.14
C PHE A 555 -21.10 -0.49 -18.47
N THR A 556 -20.96 -1.81 -18.58
CA THR A 556 -20.42 -2.43 -19.79
C THR A 556 -21.31 -2.18 -21.01
N LYS A 557 -22.62 -2.34 -20.86
CA LYS A 557 -23.53 -2.06 -21.97
C LYS A 557 -23.33 -0.62 -22.47
N VAL A 558 -23.29 0.33 -21.54
CA VAL A 558 -23.19 1.73 -21.93
C VAL A 558 -21.85 2.00 -22.60
N ALA A 559 -20.76 1.43 -22.06
CA ALA A 559 -19.45 1.65 -22.67
C ALA A 559 -19.36 1.07 -24.10
N CYS A 560 -19.98 -0.09 -24.32
CA CYS A 560 -20.06 -0.69 -25.66
C CYS A 560 -20.83 0.22 -26.63
N LEU A 561 -21.98 0.70 -26.18
CA LEU A 561 -22.76 1.64 -26.99
C LEU A 561 -21.95 2.89 -27.30
N GLN A 562 -21.32 3.45 -26.28
CA GLN A 562 -20.58 4.70 -26.45
C GLN A 562 -19.44 4.60 -27.47
N THR A 563 -18.78 3.47 -27.55
CA THR A 563 -17.66 3.36 -28.49
C THR A 563 -18.17 3.41 -29.93
N VAL A 564 -19.37 2.86 -30.15
CA VAL A 564 -20.02 2.99 -31.44
C VAL A 564 -20.42 4.45 -31.74
N LEU A 565 -21.04 5.10 -30.75
CA LEU A 565 -21.46 6.49 -30.90
C LEU A 565 -20.26 7.39 -31.16
N ASP A 566 -19.17 7.15 -30.44
CA ASP A 566 -17.96 7.92 -30.61
C ASP A 566 -17.43 7.81 -32.04
N ASP A 567 -17.26 6.57 -32.51
CA ASP A 567 -16.77 6.35 -33.87
C ASP A 567 -17.70 6.97 -34.90
N MET A 568 -18.99 6.97 -34.61
CA MET A 568 -19.99 7.49 -35.55
C MET A 568 -19.87 9.01 -35.69
N TYR A 569 -19.77 9.70 -34.56
CA TYR A 569 -19.70 11.16 -34.57
C TYR A 569 -18.34 11.70 -35.00
N ASP A 570 -17.26 11.05 -34.60
CA ASP A 570 -15.95 11.65 -34.88
C ASP A 570 -15.24 11.06 -36.10
N THR A 571 -15.86 10.08 -36.74
CA THR A 571 -15.22 9.40 -37.87
C THR A 571 -16.19 9.03 -39.00
N TYR A 572 -17.10 8.10 -38.73
CA TYR A 572 -17.91 7.49 -39.76
C TYR A 572 -19.00 8.39 -40.34
N GLY A 573 -19.72 9.10 -39.47
CA GLY A 573 -20.88 9.87 -39.92
C GLY A 573 -20.55 11.18 -40.61
N THR A 574 -21.36 11.54 -41.59
CA THR A 574 -21.21 12.85 -42.23
C THR A 574 -21.91 13.86 -41.36
N LEU A 575 -21.50 15.13 -41.44
CA LEU A 575 -22.13 16.14 -40.62
C LEU A 575 -23.65 16.20 -40.83
N ASP A 576 -24.12 16.04 -42.06
CA ASP A 576 -25.56 16.06 -42.31
C ASP A 576 -26.27 14.84 -41.71
N GLU A 577 -25.63 13.69 -41.75
CA GLU A 577 -26.17 12.52 -41.05
C GLU A 577 -26.24 12.77 -39.55
N LEU A 578 -25.14 13.29 -39.00
CA LEU A 578 -25.04 13.53 -37.56
C LEU A 578 -26.02 14.61 -37.09
N LYS A 579 -26.28 15.59 -37.95
CA LYS A 579 -27.29 16.59 -37.63
C LYS A 579 -28.65 15.92 -37.45
N LEU A 580 -28.99 15.02 -38.37
CA LEU A 580 -30.21 14.23 -38.26
C LEU A 580 -30.24 13.41 -36.98
N PHE A 581 -29.14 12.72 -36.69
CA PHE A 581 -29.09 11.87 -35.49
C PHE A 581 -29.24 12.72 -34.25
N THR A 582 -28.63 13.90 -34.28
CA THR A 582 -28.62 14.74 -33.09
C THR A 582 -30.01 15.31 -32.84
N GLU A 583 -30.76 15.52 -33.92
CA GLU A 583 -32.15 15.94 -33.78
C GLU A 583 -33.00 14.81 -33.16
N ALA A 584 -32.74 13.57 -33.56
CA ALA A 584 -33.48 12.44 -33.00
C ALA A 584 -33.17 12.31 -31.52
N VAL A 585 -31.96 12.72 -31.14
CA VAL A 585 -31.55 12.66 -29.74
C VAL A 585 -32.39 13.62 -28.90
N ARG A 586 -32.69 14.80 -29.44
CA ARG A 586 -33.54 15.77 -28.75
C ARG A 586 -34.98 15.28 -28.60
N ARG A 587 -35.47 14.54 -29.60
CA ARG A 587 -36.88 14.19 -29.67
C ARG A 587 -37.32 13.01 -28.80
N TRP A 588 -36.40 12.10 -28.51
CA TRP A 588 -36.74 10.89 -27.73
C TRP A 588 -37.98 10.21 -28.30
N ASP A 589 -38.01 10.08 -29.62
CA ASP A 589 -39.17 9.54 -30.32
C ASP A 589 -38.70 8.49 -31.32
N LEU A 590 -39.04 7.23 -31.06
CA LEU A 590 -38.66 6.15 -31.94
C LEU A 590 -39.24 6.32 -33.34
N SER A 591 -40.44 6.90 -33.43
CA SER A 591 -41.10 7.09 -34.71
C SER A 591 -40.37 8.08 -35.62
N PHE A 592 -39.58 8.97 -35.02
CA PHE A 592 -38.88 9.99 -35.80
C PHE A 592 -37.73 9.41 -36.64
N THR A 593 -37.29 8.21 -36.28
CA THR A 593 -36.14 7.59 -36.93
C THR A 593 -36.35 7.18 -38.40
N GLU A 594 -37.59 7.30 -38.89
CA GLU A 594 -37.87 7.02 -40.29
C GLU A 594 -37.02 7.90 -41.22
N ASN A 595 -36.57 9.02 -40.67
CA ASN A 595 -35.78 10.00 -41.41
C ASN A 595 -34.33 9.59 -41.53
N LEU A 596 -33.86 8.81 -40.56
CA LEU A 596 -32.43 8.50 -40.46
C LEU A 596 -31.99 7.48 -41.50
N PRO A 597 -30.70 7.51 -41.85
CA PRO A 597 -30.09 6.45 -42.67
C PRO A 597 -30.26 5.14 -41.94
N ASP A 598 -30.37 4.03 -42.68
CA ASP A 598 -30.60 2.72 -42.04
C ASP A 598 -29.68 2.41 -40.85
N TYR A 599 -28.38 2.66 -40.99
CA TYR A 599 -27.48 2.29 -39.91
C TYR A 599 -27.77 3.10 -38.65
N MET A 600 -28.25 4.33 -38.85
CA MET A 600 -28.62 5.19 -37.74
C MET A 600 -29.97 4.82 -37.12
N LYS A 601 -30.86 4.27 -37.93
CA LYS A 601 -32.13 3.76 -37.43
C LYS A 601 -31.87 2.67 -36.39
N LEU A 602 -30.99 1.75 -36.75
CA LEU A 602 -30.60 0.70 -35.83
C LEU A 602 -29.85 1.27 -34.62
N CYS A 603 -28.90 2.17 -34.86
CA CYS A 603 -28.13 2.72 -33.76
C CYS A 603 -29.03 3.43 -32.78
N TYR A 604 -30.00 4.20 -33.29
CA TYR A 604 -30.89 4.92 -32.40
C TYR A 604 -31.70 3.95 -31.54
N GLN A 605 -32.20 2.89 -32.15
CA GLN A 605 -33.01 1.92 -31.40
C GLN A 605 -32.24 1.25 -30.25
N ILE A 606 -31.01 0.84 -30.53
CA ILE A 606 -30.17 0.25 -29.47
C ILE A 606 -29.90 1.25 -28.36
N TYR A 607 -29.59 2.49 -28.76
CA TYR A 607 -29.28 3.56 -27.80
C TYR A 607 -30.50 3.82 -26.91
N TYR A 608 -31.65 3.96 -27.54
CA TYR A 608 -32.89 4.21 -26.82
C TYR A 608 -33.15 3.09 -25.81
N ASP A 609 -32.97 1.84 -26.23
CA ASP A 609 -33.22 0.70 -25.35
C ASP A 609 -32.27 0.67 -24.15
N ILE A 610 -30.98 0.88 -24.42
CA ILE A 610 -30.00 0.85 -23.33
C ILE A 610 -30.21 1.97 -22.33
N VAL A 611 -30.45 3.18 -22.82
CA VAL A 611 -30.73 4.31 -21.95
C VAL A 611 -31.87 4.00 -20.99
N HIS A 612 -32.97 3.48 -21.53
CA HIS A 612 -34.14 3.25 -20.71
C HIS A 612 -34.07 2.01 -19.85
N GLU A 613 -33.30 1.02 -20.27
CA GLU A 613 -33.00 -0.11 -19.37
C GLU A 613 -32.20 0.37 -18.17
N VAL A 614 -31.17 1.16 -18.41
CA VAL A 614 -30.36 1.69 -17.31
C VAL A 614 -31.23 2.52 -16.39
N ALA A 615 -32.07 3.37 -16.97
CA ALA A 615 -32.94 4.26 -16.19
C ALA A 615 -33.92 3.46 -15.33
N TRP A 616 -34.54 2.43 -15.90
CA TRP A 616 -35.46 1.59 -15.13
C TRP A 616 -34.75 0.93 -13.94
N GLU A 617 -33.56 0.39 -14.18
CA GLU A 617 -32.80 -0.24 -13.10
C GLU A 617 -32.43 0.79 -12.04
N ALA A 618 -32.03 1.99 -12.47
CA ALA A 618 -31.67 3.05 -11.53
C ALA A 618 -32.90 3.46 -10.71
N GLU A 619 -34.04 3.60 -11.37
CA GLU A 619 -35.26 3.97 -10.67
C GLU A 619 -35.65 2.89 -9.65
N LYS A 620 -35.44 1.63 -10.02
CA LYS A 620 -35.72 0.53 -9.11
C LYS A 620 -34.81 0.60 -7.87
N GLU A 621 -33.52 0.83 -8.06
CA GLU A 621 -32.58 0.88 -6.94
C GLU A 621 -32.81 2.11 -6.04
N GLN A 622 -33.09 3.25 -6.67
CA GLN A 622 -33.13 4.56 -5.99
C GLN A 622 -34.50 4.97 -5.46
N GLY A 623 -35.56 4.35 -5.98
CA GLY A 623 -36.90 4.66 -5.51
C GLY A 623 -37.38 6.04 -5.86
N ARG A 624 -36.77 6.65 -6.88
CA ARG A 624 -37.22 7.96 -7.36
C ARG A 624 -37.04 8.06 -8.86
N GLU A 625 -37.71 9.05 -9.46
CA GLU A 625 -37.70 9.25 -10.91
C GLU A 625 -36.32 9.68 -11.41
N LEU A 626 -35.84 9.03 -12.46
CA LEU A 626 -34.51 9.31 -12.98
C LEU A 626 -34.41 9.31 -14.51
N VAL A 627 -35.52 9.02 -15.18
CA VAL A 627 -35.49 9.04 -16.65
C VAL A 627 -35.11 10.40 -17.19
N SER A 628 -35.70 11.45 -16.62
CA SER A 628 -35.45 12.82 -17.08
C SER A 628 -33.99 13.23 -16.86
N PHE A 629 -33.43 12.84 -15.71
CA PHE A 629 -32.04 13.09 -15.39
C PHE A 629 -31.08 12.36 -16.35
N PHE A 630 -31.35 11.09 -16.61
CA PHE A 630 -30.53 10.33 -17.57
C PHE A 630 -30.62 10.89 -18.99
N ARG A 631 -31.83 11.25 -19.41
CA ARG A 631 -32.03 11.78 -20.74
C ARG A 631 -31.25 13.07 -20.94
N LYS A 632 -31.29 13.93 -19.93
CA LYS A 632 -30.55 15.20 -20.00
C LYS A 632 -29.05 14.92 -20.08
N GLY A 633 -28.59 13.96 -19.32
CA GLY A 633 -27.21 13.52 -19.36
C GLY A 633 -26.77 13.08 -20.74
N TRP A 634 -27.57 12.22 -21.36
CA TRP A 634 -27.29 11.72 -22.71
C TRP A 634 -27.32 12.81 -23.78
N GLU A 635 -28.29 13.72 -23.69
CA GLU A 635 -28.36 14.75 -24.71
C GLU A 635 -27.17 15.72 -24.55
N ASP A 636 -26.73 15.99 -23.33
CA ASP A 636 -25.58 16.88 -23.17
C ASP A 636 -24.32 16.24 -23.75
N TYR A 637 -24.18 14.94 -23.52
CA TYR A 637 -23.07 14.15 -24.06
C TYR A 637 -23.07 14.18 -25.60
N LEU A 638 -24.18 13.79 -26.21
CA LEU A 638 -24.25 13.73 -27.67
C LEU A 638 -24.27 15.11 -28.34
N LEU A 639 -24.81 16.12 -27.67
CA LEU A 639 -24.72 17.48 -28.19
C LEU A 639 -23.26 17.93 -28.17
N GLY A 640 -22.50 17.38 -27.21
CA GLY A 640 -21.06 17.59 -27.14
C GLY A 640 -20.33 16.96 -28.31
N TYR A 641 -20.69 15.72 -28.64
CA TYR A 641 -20.19 15.07 -29.84
C TYR A 641 -20.49 15.88 -31.10
N TYR A 642 -21.70 16.42 -31.19
CA TYR A 642 -22.09 17.13 -32.39
C TYR A 642 -21.29 18.44 -32.54
N GLU A 643 -21.08 19.14 -31.44
CA GLU A 643 -20.26 20.33 -31.48
C GLU A 643 -18.89 19.97 -32.07
N GLU A 644 -18.34 18.87 -31.59
CA GLU A 644 -17.06 18.35 -32.06
C GLU A 644 -17.13 18.00 -33.55
N ALA A 645 -18.25 17.43 -33.97
CA ALA A 645 -18.42 17.06 -35.38
C ALA A 645 -18.45 18.29 -36.28
N GLU A 646 -19.05 19.38 -35.78
CA GLU A 646 -19.05 20.64 -36.50
C GLU A 646 -17.64 21.19 -36.65
N TRP A 647 -16.83 21.05 -35.60
CA TRP A 647 -15.46 21.54 -35.63
C TRP A 647 -14.65 20.80 -36.68
N LEU A 648 -14.82 19.48 -36.71
CA LEU A 648 -14.12 18.61 -37.63
C LEU A 648 -14.44 18.97 -39.08
N ALA A 649 -15.73 19.13 -39.36
CA ALA A 649 -16.19 19.47 -40.71
C ALA A 649 -15.65 20.82 -41.15
N ALA A 650 -15.39 21.70 -40.19
CA ALA A 650 -14.92 23.05 -40.51
C ALA A 650 -13.41 23.19 -40.37
N GLU A 651 -12.75 22.10 -40.00
CA GLU A 651 -11.32 22.13 -39.71
C GLU A 651 -10.99 23.22 -38.71
N TYR A 652 -11.87 23.35 -37.71
CA TYR A 652 -11.72 24.37 -36.66
C TYR A 652 -10.88 23.85 -35.51
N VAL A 653 -9.87 24.61 -35.13
CA VAL A 653 -9.06 24.27 -33.97
C VAL A 653 -9.44 25.14 -32.78
N PRO A 654 -10.05 24.52 -31.76
CA PRO A 654 -10.54 25.33 -30.63
C PRO A 654 -9.40 25.88 -29.78
N THR A 655 -9.70 26.92 -29.00
CA THR A 655 -8.81 27.33 -27.92
C THR A 655 -8.73 26.19 -26.91
N LEU A 656 -7.70 26.19 -26.07
CA LEU A 656 -7.61 25.14 -25.05
C LEU A 656 -8.82 25.22 -24.12
N ASP A 657 -9.23 26.44 -23.79
CA ASP A 657 -10.41 26.59 -22.94
C ASP A 657 -11.67 25.96 -23.54
N GLU A 658 -11.96 26.24 -24.81
CA GLU A 658 -13.15 25.63 -25.41
C GLU A 658 -12.99 24.12 -25.61
N TYR A 659 -11.78 23.67 -25.90
CA TYR A 659 -11.53 22.24 -26.07
C TYR A 659 -11.83 21.48 -24.79
N ILE A 660 -11.38 22.04 -23.67
CA ILE A 660 -11.56 21.38 -22.39
C ILE A 660 -13.02 21.44 -21.95
N LYS A 661 -13.66 22.58 -22.18
CA LYS A 661 -15.07 22.71 -21.88
C LYS A 661 -15.87 21.64 -22.63
N ASN A 662 -15.68 21.55 -23.94
CA ASN A 662 -16.33 20.51 -24.75
C ASN A 662 -15.93 19.11 -24.31
N GLY A 663 -14.63 18.89 -24.13
CA GLY A 663 -14.09 17.59 -23.80
C GLY A 663 -14.59 16.97 -22.51
N ILE A 664 -14.78 17.78 -21.47
CA ILE A 664 -15.28 17.27 -20.20
C ILE A 664 -16.67 16.63 -20.41
N THR A 665 -17.42 17.19 -21.35
CA THR A 665 -18.76 16.69 -21.65
C THR A 665 -18.76 15.59 -22.71
N SER A 666 -17.99 15.80 -23.77
CA SER A 666 -18.06 14.85 -24.89
C SER A 666 -17.25 13.58 -24.65
N ILE A 667 -16.34 13.59 -23.68
CA ILE A 667 -15.57 12.36 -23.47
C ILE A 667 -16.45 11.20 -23.01
N GLY A 668 -17.61 11.52 -22.44
CA GLY A 668 -18.62 10.50 -22.13
C GLY A 668 -18.47 9.79 -20.81
N GLN A 669 -17.47 10.15 -20.02
CA GLN A 669 -17.24 9.46 -18.75
C GLN A 669 -18.35 9.76 -17.76
N ARG A 670 -18.87 10.97 -17.78
CA ARG A 670 -19.91 11.31 -16.83
C ARG A 670 -21.12 10.37 -16.96
N ILE A 671 -21.68 10.26 -18.16
CA ILE A 671 -22.91 9.49 -18.33
C ILE A 671 -22.65 7.99 -18.15
N LEU A 672 -21.45 7.54 -18.52
CA LEU A 672 -21.06 6.14 -18.28
C LEU A 672 -21.02 5.84 -16.78
N LEU A 673 -20.36 6.71 -16.03
CA LEU A 673 -20.20 6.55 -14.59
C LEU A 673 -21.56 6.54 -13.90
N LEU A 674 -22.45 7.45 -14.31
CA LEU A 674 -23.80 7.50 -13.76
C LEU A 674 -24.58 6.21 -14.01
N SER A 675 -24.31 5.57 -15.14
CA SER A 675 -24.99 4.35 -15.53
C SER A 675 -24.55 3.15 -14.71
N GLY A 676 -23.52 3.31 -13.90
CA GLY A 676 -23.13 2.26 -12.96
C GLY A 676 -23.40 2.65 -11.51
N VAL A 677 -23.08 3.89 -11.18
CA VAL A 677 -23.06 4.31 -9.78
C VAL A 677 -24.45 4.42 -9.16
N LEU A 678 -25.46 4.62 -9.99
CA LEU A 678 -26.83 4.73 -9.50
C LEU A 678 -27.54 3.38 -9.38
N ILE A 679 -26.83 2.32 -9.74
CA ILE A 679 -27.41 0.97 -9.68
C ILE A 679 -26.49 0.02 -8.91
N MET A 680 -26.02 0.48 -7.76
CA MET A 680 -25.21 -0.35 -6.88
C MET A 680 -26.08 -0.88 -5.76
N ASP A 681 -26.16 -2.20 -5.68
CA ASP A 681 -27.03 -2.85 -4.72
C ASP A 681 -26.91 -2.22 -3.33
N GLY A 682 -28.00 -1.66 -2.83
CA GLY A 682 -28.06 -1.15 -1.47
C GLY A 682 -27.50 0.23 -1.24
N GLN A 683 -27.07 0.89 -2.31
CA GLN A 683 -26.40 2.18 -2.19
C GLN A 683 -27.29 3.33 -2.65
N LEU A 684 -27.92 3.99 -1.68
CA LEU A 684 -28.91 5.01 -1.95
C LEU A 684 -28.29 6.38 -2.15
N LEU A 685 -28.63 7.00 -3.29
CA LEU A 685 -28.16 8.35 -3.63
C LEU A 685 -29.33 9.27 -3.84
N SER A 686 -29.58 10.15 -2.88
CA SER A 686 -30.55 11.21 -3.05
C SER A 686 -30.02 12.16 -4.12
N GLN A 687 -30.87 13.07 -4.59
CA GLN A 687 -30.43 14.10 -5.51
C GLN A 687 -29.31 14.88 -4.84
N GLU A 688 -29.50 15.19 -3.56
CA GLU A 688 -28.54 15.99 -2.81
C GLU A 688 -27.19 15.28 -2.71
N ALA A 689 -27.22 13.99 -2.38
CA ALA A 689 -25.99 13.22 -2.27
C ALA A 689 -25.30 13.09 -3.62
N LEU A 690 -26.07 12.85 -4.68
CA LEU A 690 -25.53 12.72 -6.02
C LEU A 690 -24.82 13.99 -6.48
N GLU A 691 -25.42 15.14 -6.20
CA GLU A 691 -24.83 16.41 -6.60
C GLU A 691 -23.46 16.64 -5.96
N LYS A 692 -23.16 15.92 -4.89
CA LYS A 692 -21.86 16.03 -4.24
C LYS A 692 -20.77 15.35 -5.04
N VAL A 693 -21.15 14.38 -5.88
CA VAL A 693 -20.18 13.65 -6.69
C VAL A 693 -20.35 13.83 -8.19
N ASP A 694 -21.44 14.49 -8.58
CA ASP A 694 -21.75 14.66 -9.99
C ASP A 694 -22.47 15.99 -10.20
N TYR A 695 -21.85 16.90 -10.95
CA TYR A 695 -22.39 18.25 -11.11
C TYR A 695 -21.60 19.01 -12.15
N PRO A 696 -22.06 18.96 -13.41
CA PRO A 696 -21.35 19.60 -14.51
C PRO A 696 -20.99 21.04 -14.14
N GLY A 697 -19.74 21.44 -14.37
CA GLY A 697 -19.31 22.80 -14.08
C GLY A 697 -18.64 22.93 -12.72
N ARG A 698 -18.67 21.86 -11.94
CA ARG A 698 -18.01 21.85 -10.63
C ARG A 698 -16.96 20.74 -10.55
N ARG A 699 -15.98 20.94 -9.68
CA ARG A 699 -14.88 20.00 -9.55
C ARG A 699 -15.21 18.85 -8.60
N VAL A 700 -16.25 18.09 -8.95
CA VAL A 700 -16.65 16.91 -8.20
C VAL A 700 -16.16 15.65 -8.92
N LEU A 701 -16.34 14.48 -8.29
CA LEU A 701 -15.79 13.23 -8.81
C LEU A 701 -16.00 12.97 -10.32
N THR A 702 -17.25 13.07 -10.80
CA THR A 702 -17.48 12.72 -12.21
C THR A 702 -16.85 13.74 -13.14
N GLU A 703 -16.74 14.98 -12.68
CA GLU A 703 -16.20 16.05 -13.52
C GLU A 703 -14.69 15.89 -13.61
N LEU A 704 -14.07 15.56 -12.48
CA LEU A 704 -12.63 15.40 -12.42
C LEU A 704 -12.18 14.15 -13.17
N ASN A 705 -12.97 13.09 -13.07
CA ASN A 705 -12.72 11.89 -13.85
C ASN A 705 -12.79 12.22 -15.34
N SER A 706 -13.80 12.99 -15.74
CA SER A 706 -13.92 13.37 -17.15
C SER A 706 -12.71 14.17 -17.62
N LEU A 707 -12.29 15.15 -16.83
CA LEU A 707 -11.16 15.99 -17.18
C LEU A 707 -9.89 15.16 -17.23
N ILE A 708 -9.68 14.34 -16.21
CA ILE A 708 -8.50 13.49 -16.16
C ILE A 708 -8.49 12.53 -17.35
N SER A 709 -9.64 11.95 -17.68
CA SER A 709 -9.71 11.02 -18.79
C SER A 709 -9.36 11.71 -20.10
N ARG A 710 -9.97 12.87 -20.34
CA ARG A 710 -9.71 13.61 -21.57
C ARG A 710 -8.23 13.92 -21.73
N LEU A 711 -7.63 14.45 -20.68
CA LEU A 711 -6.25 14.92 -20.77
C LEU A 711 -5.23 13.78 -20.70
N ALA A 712 -5.52 12.75 -19.92
CA ALA A 712 -4.61 11.60 -19.86
C ALA A 712 -4.60 10.93 -21.21
N ASP A 713 -5.78 10.81 -21.80
CA ASP A 713 -5.93 10.27 -23.15
C ASP A 713 -5.04 11.05 -24.13
N ASP A 714 -5.15 12.37 -24.10
CA ASP A 714 -4.37 13.22 -25.00
C ASP A 714 -2.86 13.01 -24.84
N THR A 715 -2.39 12.97 -23.59
CA THR A 715 -0.96 12.81 -23.33
C THR A 715 -0.42 11.48 -23.82
N LYS A 716 -1.25 10.44 -23.73
CA LYS A 716 -0.88 9.11 -24.14
C LYS A 716 -0.93 8.97 -25.67
N THR A 717 -1.91 9.63 -26.28
CA THR A 717 -2.15 9.52 -27.71
C THR A 717 -1.80 10.84 -28.40
N TYR A 718 -2.74 11.44 -29.10
CA TYR A 718 -2.51 12.74 -29.75
C TYR A 718 -1.38 12.74 -30.80
N LYS A 719 -0.30 12.01 -30.53
CA LYS A 719 0.78 11.85 -31.51
C LYS A 719 0.42 10.79 -32.55
N ALA A 720 -0.36 9.80 -32.14
CA ALA A 720 -0.79 8.74 -33.03
C ALA A 720 -1.99 9.16 -33.88
N LEU A 727 -8.93 15.50 -35.59
CA LEU A 727 -9.10 16.93 -35.40
C LEU A 727 -7.88 17.59 -34.76
N ALA A 728 -7.98 17.89 -33.46
CA ALA A 728 -6.86 18.45 -32.72
C ALA A 728 -7.01 18.08 -31.25
N SER A 729 -5.90 17.82 -30.58
CA SER A 729 -5.89 17.50 -29.15
C SER A 729 -5.63 18.76 -28.31
N SER A 730 -5.60 18.56 -26.99
CA SER A 730 -5.30 19.64 -26.06
C SER A 730 -3.91 20.22 -26.33
N ILE A 731 -2.93 19.36 -26.61
CA ILE A 731 -1.60 19.84 -27.00
C ILE A 731 -1.69 20.83 -28.14
N GLU A 732 -2.33 20.43 -29.23
CA GLU A 732 -2.34 21.25 -30.41
C GLU A 732 -3.10 22.55 -30.19
N CYS A 733 -4.16 22.49 -29.38
CA CYS A 733 -4.94 23.67 -29.07
C CYS A 733 -4.13 24.69 -28.28
N TYR A 734 -3.31 24.20 -27.35
CA TYR A 734 -2.46 25.08 -26.56
C TYR A 734 -1.43 25.76 -27.44
N MET A 735 -0.94 25.04 -28.43
CA MET A 735 0.07 25.60 -29.34
C MET A 735 -0.52 26.62 -30.30
N LYS A 736 -1.81 26.52 -30.57
CA LYS A 736 -2.46 27.57 -31.36
C LYS A 736 -2.60 28.82 -30.49
N ASP A 737 -2.96 28.61 -29.23
CA ASP A 737 -3.06 29.68 -28.24
C ASP A 737 -1.71 30.32 -27.97
N HIS A 738 -0.63 29.57 -28.14
CA HIS A 738 0.72 30.07 -27.84
C HIS A 738 1.69 29.70 -28.97
N PRO A 739 1.60 30.43 -30.09
CA PRO A 739 2.29 30.22 -31.36
C PRO A 739 3.81 30.04 -31.22
N GLU A 740 4.39 30.61 -30.17
CA GLU A 740 5.84 30.56 -29.98
C GLU A 740 6.29 29.41 -29.09
N CYS A 741 5.34 28.84 -28.35
CA CYS A 741 5.68 27.73 -27.46
C CYS A 741 6.03 26.48 -28.24
N THR A 742 6.83 25.60 -27.64
CA THR A 742 7.16 24.33 -28.23
C THR A 742 6.14 23.28 -27.83
N GLU A 743 6.17 22.15 -28.53
CA GLU A 743 5.37 20.99 -28.19
C GLU A 743 5.71 20.51 -26.78
N GLU A 744 6.97 20.65 -26.40
CA GLU A 744 7.43 20.27 -25.07
C GLU A 744 6.71 21.07 -23.99
N GLU A 745 6.73 22.39 -24.15
CA GLU A 745 6.05 23.28 -23.22
C GLU A 745 4.54 22.96 -23.20
N ALA A 746 3.98 22.68 -24.37
CA ALA A 746 2.56 22.31 -24.47
C ALA A 746 2.19 21.07 -23.66
N LEU A 747 2.96 20.01 -23.80
CA LEU A 747 2.71 18.79 -23.05
C LEU A 747 2.87 19.02 -21.56
N ASP A 748 3.88 19.80 -21.20
CA ASP A 748 4.11 20.16 -19.81
C ASP A 748 2.90 20.92 -19.26
N HIS A 749 2.30 21.76 -20.09
CA HIS A 749 1.15 22.51 -19.62
C HIS A 749 -0.04 21.59 -19.33
N ILE A 750 -0.31 20.65 -20.22
CA ILE A 750 -1.38 19.69 -19.99
C ILE A 750 -1.17 18.93 -18.67
N TYR A 751 0.07 18.54 -18.39
CA TYR A 751 0.36 17.87 -17.12
C TYR A 751 0.15 18.79 -15.91
N SER A 752 0.39 20.09 -16.09
CA SER A 752 0.18 21.06 -15.01
C SER A 752 -1.30 21.20 -14.66
N ILE A 753 -2.16 20.79 -15.57
CA ILE A 753 -3.60 20.73 -15.33
C ILE A 753 -3.99 19.39 -14.70
N LEU A 754 -3.35 18.32 -15.18
CA LEU A 754 -3.67 16.96 -14.74
C LEU A 754 -3.29 16.74 -13.28
N GLU A 755 -2.07 17.14 -12.92
CA GLU A 755 -1.56 16.86 -11.58
C GLU A 755 -2.44 17.40 -10.43
N PRO A 756 -2.84 18.68 -10.50
CA PRO A 756 -3.76 19.22 -9.50
C PRO A 756 -5.11 18.49 -9.51
N ALA A 757 -5.58 18.12 -10.70
CA ALA A 757 -6.85 17.43 -10.84
C ALA A 757 -6.84 16.09 -10.11
N VAL A 758 -5.72 15.39 -10.20
CA VAL A 758 -5.56 14.09 -9.54
C VAL A 758 -5.59 14.24 -8.01
N LYS A 759 -4.95 15.30 -7.51
CA LYS A 759 -4.99 15.59 -6.07
C LYS A 759 -6.42 15.88 -5.60
N GLU A 760 -7.16 16.68 -6.36
CA GLU A 760 -8.56 16.96 -6.05
C GLU A 760 -9.40 15.70 -6.08
N LEU A 761 -9.18 14.87 -7.08
CA LEU A 761 -9.88 13.58 -7.17
C LEU A 761 -9.69 12.77 -5.88
N THR A 762 -8.45 12.75 -5.41
CA THR A 762 -8.10 12.01 -4.21
C THR A 762 -8.83 12.56 -2.98
N ARG A 763 -8.80 13.89 -2.83
CA ARG A 763 -9.50 14.52 -1.70
C ARG A 763 -11.00 14.26 -1.78
N GLU A 764 -11.59 14.42 -2.98
CA GLU A 764 -13.03 14.19 -3.12
C GLU A 764 -13.42 12.76 -2.76
N PHE A 765 -12.57 11.82 -3.14
CA PHE A 765 -12.79 10.41 -2.84
C PHE A 765 -12.76 10.17 -1.33
N LEU A 766 -11.69 10.63 -0.68
CA LEU A 766 -11.43 10.25 0.71
C LEU A 766 -12.15 11.13 1.74
N LYS A 767 -12.48 12.35 1.34
CA LYS A 767 -13.20 13.29 2.20
C LYS A 767 -14.37 12.68 2.95
N PRO A 768 -14.49 13.01 4.24
CA PRO A 768 -15.64 12.57 5.03
C PRO A 768 -16.91 13.31 4.62
N ASP A 769 -17.97 12.55 4.33
CA ASP A 769 -19.26 13.13 3.96
C ASP A 769 -20.34 12.06 4.12
N ASP A 770 -21.55 12.37 3.69
CA ASP A 770 -22.67 11.43 3.84
C ASP A 770 -23.02 10.68 2.55
N VAL A 771 -22.14 10.74 1.57
CA VAL A 771 -22.30 9.96 0.35
C VAL A 771 -21.85 8.53 0.61
N PRO A 772 -22.69 7.54 0.26
CA PRO A 772 -22.33 6.13 0.42
C PRO A 772 -20.93 5.91 -0.13
N PHE A 773 -20.03 5.36 0.69
CA PHE A 773 -18.63 5.26 0.29
C PHE A 773 -18.43 4.36 -0.93
N ALA A 774 -19.26 3.32 -1.04
CA ALA A 774 -19.16 2.41 -2.17
C ALA A 774 -19.34 3.14 -3.50
N CYS A 775 -20.18 4.17 -3.51
CA CYS A 775 -20.38 4.96 -4.72
C CYS A 775 -19.15 5.78 -5.07
N LYS A 776 -18.57 6.43 -4.06
CA LYS A 776 -17.38 7.24 -4.29
C LYS A 776 -16.23 6.36 -4.75
N LYS A 777 -16.10 5.19 -4.12
CA LYS A 777 -15.04 4.27 -4.47
C LYS A 777 -15.20 3.76 -5.90
N MET A 778 -16.44 3.49 -6.31
CA MET A 778 -16.68 3.04 -7.67
C MET A 778 -16.21 4.08 -8.69
N LEU A 779 -16.51 5.35 -8.40
CA LEU A 779 -16.11 6.44 -9.29
C LEU A 779 -14.59 6.60 -9.31
N PHE A 780 -13.99 6.54 -8.12
CA PHE A 780 -12.55 6.70 -8.00
C PHE A 780 -11.80 5.55 -8.65
N GLU A 781 -12.29 4.32 -8.42
CA GLU A 781 -11.62 3.14 -8.94
C GLU A 781 -11.69 3.03 -10.47
N GLU A 782 -12.76 3.54 -11.07
CA GLU A 782 -12.82 3.57 -12.53
C GLU A 782 -11.76 4.56 -13.06
N THR A 783 -11.55 5.65 -12.32
CA THR A 783 -10.52 6.60 -12.68
C THR A 783 -9.12 5.96 -12.58
N ARG A 784 -8.88 5.20 -11.52
CA ARG A 784 -7.57 4.54 -11.36
C ARG A 784 -7.29 3.57 -12.50
N VAL A 785 -8.29 2.80 -12.89
CA VAL A 785 -8.09 1.86 -13.99
C VAL A 785 -7.90 2.60 -15.31
N THR A 786 -8.61 3.71 -15.51
CA THR A 786 -8.42 4.54 -16.70
C THR A 786 -7.00 5.07 -16.75
N MET A 787 -6.49 5.49 -15.59
CA MET A 787 -5.17 6.09 -15.51
C MET A 787 -4.11 5.04 -15.81
N VAL A 788 -4.44 3.78 -15.56
CA VAL A 788 -3.52 2.70 -15.91
C VAL A 788 -3.41 2.60 -17.42
N ILE A 789 -4.56 2.58 -18.09
CA ILE A 789 -4.59 2.50 -19.54
C ILE A 789 -3.80 3.61 -20.24
N PHE A 790 -3.77 4.79 -19.62
CA PHE A 790 -3.12 5.96 -20.23
C PHE A 790 -1.82 6.40 -19.58
N LYS A 791 -1.24 5.55 -18.73
CA LYS A 791 -0.05 5.93 -17.97
C LYS A 791 1.19 6.14 -18.82
N ASP A 792 2.12 6.94 -18.32
CA ASP A 792 3.34 7.26 -19.05
C ASP A 792 2.99 7.87 -20.40
N GLY A 793 2.40 9.06 -20.37
CA GLY A 793 1.94 9.72 -21.58
C GLY A 793 3.05 10.37 -22.35
N ASP A 794 3.42 9.76 -23.48
CA ASP A 794 4.46 10.33 -24.35
C ASP A 794 3.91 10.66 -25.74
N GLY A 795 2.61 10.44 -25.92
CA GLY A 795 1.96 10.70 -27.20
C GLY A 795 1.94 9.49 -28.12
N PHE A 796 2.76 8.50 -27.81
CA PHE A 796 2.90 7.32 -28.67
C PHE A 796 1.60 6.59 -28.97
N GLY A 797 0.73 6.49 -27.96
CA GLY A 797 -0.51 5.73 -28.09
C GLY A 797 -0.60 4.63 -27.05
N VAL A 798 -1.80 4.08 -26.89
CA VAL A 798 -2.04 3.01 -25.92
C VAL A 798 -1.59 1.65 -26.44
N SER A 799 -1.02 0.84 -25.55
CA SER A 799 -0.58 -0.51 -25.90
C SER A 799 -1.73 -1.49 -25.81
N LYS A 800 -2.11 -2.06 -26.95
CA LYS A 800 -3.20 -3.02 -27.00
C LYS A 800 -2.82 -4.34 -26.34
N LEU A 801 -1.54 -4.70 -26.43
CA LEU A 801 -1.07 -5.95 -25.86
C LEU A 801 -1.06 -5.89 -24.33
N GLU A 802 -0.84 -4.70 -23.78
CA GLU A 802 -0.86 -4.52 -22.33
C GLU A 802 -2.28 -4.59 -21.79
N VAL A 803 -3.25 -4.09 -22.57
CA VAL A 803 -4.65 -4.15 -22.18
C VAL A 803 -5.07 -5.61 -22.09
N LYS A 804 -4.73 -6.39 -23.11
CA LYS A 804 -5.04 -7.81 -23.13
C LYS A 804 -4.36 -8.52 -21.95
N ASP A 805 -3.13 -8.12 -21.66
CA ASP A 805 -2.38 -8.72 -20.56
C ASP A 805 -3.02 -8.41 -19.21
N HIS A 806 -3.59 -7.22 -19.07
CA HIS A 806 -4.27 -6.86 -17.84
C HIS A 806 -5.56 -7.68 -17.66
N ILE A 807 -6.26 -7.90 -18.76
CA ILE A 807 -7.45 -8.74 -18.75
C ILE A 807 -7.10 -10.20 -18.40
N LYS A 808 -6.07 -10.74 -19.05
CA LYS A 808 -5.59 -12.08 -18.73
C LYS A 808 -5.29 -12.24 -17.23
N GLU A 809 -4.54 -11.27 -16.68
CA GLU A 809 -4.08 -11.37 -15.30
C GLU A 809 -5.23 -11.21 -14.31
N CYS A 810 -6.14 -10.30 -14.63
CA CYS A 810 -7.21 -9.92 -13.71
C CYS A 810 -8.38 -10.89 -13.75
N LEU A 811 -8.81 -11.25 -14.96
CA LEU A 811 -10.09 -11.94 -15.18
C LEU A 811 -9.99 -13.37 -15.69
N ILE A 812 -8.86 -13.74 -16.29
CA ILE A 812 -8.78 -15.05 -16.95
C ILE A 812 -8.01 -16.10 -16.16
N GLU A 813 -6.82 -15.74 -15.67
CA GLU A 813 -5.91 -16.71 -15.07
C GLU A 813 -6.03 -16.73 -13.55
N PRO A 814 -6.44 -17.87 -12.98
CA PRO A 814 -6.58 -17.93 -11.52
C PRO A 814 -5.24 -18.06 -10.81
N LEU A 815 -5.25 -17.86 -9.50
CA LEU A 815 -4.08 -18.14 -8.67
C LEU A 815 -4.01 -19.62 -8.39
N PRO A 816 -2.81 -20.20 -8.51
CA PRO A 816 -2.62 -21.62 -8.15
C PRO A 816 -2.84 -21.80 -6.66
N LEU A 817 -3.55 -22.85 -6.26
CA LEU A 817 -3.72 -23.16 -4.84
C LEU A 817 -2.99 -24.47 -4.52
CL CL B . 11.43 -14.32 4.84
MG MG C . -12.97 8.61 -31.05
MG MG D . -8.13 9.59 -29.24
MG MG E . -14.53 11.05 -30.15
P1 210 F . -10.64 7.51 -29.28
O2 210 F . -9.44 8.22 -29.98
O3 210 F . -10.10 6.24 -28.55
O5 210 F . -11.70 7.15 -30.28
C7 210 F . -11.29 8.65 -28.03
P8 210 F . -11.65 10.22 -28.88
O9 210 F . -12.84 10.04 -29.78
O10 210 F . -10.35 10.61 -29.65
O12 210 F . -11.91 11.31 -27.80
O14 210 F . -10.35 8.88 -27.06
C16 210 F . -12.56 8.08 -27.47
C19 210 F . -12.66 8.31 -25.99
N22 210 F . -13.91 7.81 -25.52
#